data_7XV3
#
_entry.id   7XV3
#
loop_
_entity.id
_entity.type
_entity.pdbx_description
1 polymer 'Probable G-protein coupled receptor 174'
2 polymer 'Guanine nucleotide-binding protein G(I)/G(S)/G(O) subunit gamma-2'
3 polymer 'Engineered G protein subunit S (mini-Gs)'
4 polymer Nb35
5 polymer 'Guanine nucleotide-binding protein G(I)/G(S)/G(T) subunit beta-1'
6 non-polymer '(2~{S})-2-$l^{4}-azanyl-3-[[(2~{R})-3-octadecanoyloxy-2-oxidanyl-propoxy]-oxidanyl-oxidanylidene-$l^{6}-phosphanyl]oxy-propanoic acid'
7 water water
#
loop_
_entity_poly.entity_id
_entity_poly.type
_entity_poly.pdbx_seq_one_letter_code
_entity_poly.pdbx_strand_id
1 'polypeptide(L)'
;MPANYTCTRPDGDNTDFRYFIYAVTYTVILVPGLIGNILALWVFYGYMKETKRAVIFMINLAIADLLQVLSLPLRIFYYL
NHDWPFGPGLCMFCFYLKYVNMYASIYFLVCISVRRFWFLMYPFRFHDCKQKYDLYISIAGWLIICLACVLFPLLRTSDD
TSGNRTKCFVDLPTRNVNLAQSVVMMTIGELIGFVTPLLIVLYCTWKTVLSLQDKYPMAQDLGEKQKALKMILTCAGVFL
ICFAPYHFSFPLDFLVKSNEIKSCLARRVILIFHSVALCLASLNSCLDPVIYYFSTNEFRRRLSRQDLHDSIQLHAKSFV
SNHTASTMTPELC
;
R
2 'polypeptide(L)' MASNNTASIAQARKLVEQLKMEANIDRIKVSKAAADLMAYCEAHAKEDPLLTPVPASENPFREKKFFCAIL G
3 'polypeptide(L)'
;MGCTLSAEDKAAVERSKMIEKQLQKDKQVYRATHRLLLLGADNSGKSTIVKQMRIYHVNGYSEEECKQYKAVVYSNTIQS
IIAIIRAMGRLKIDFGDSARADDARQLFVLAGAAEEGFMTAELAGVIKRLWKDSGVQACFNRSREYQLNDSAAYYLNDLD
RIAQPNYIPTQQDVLRTRVKTSGIFETKFQVDKVNFHMFDVGAQRDERRKWIQCFNDVTAIIFVVDSSDYNRLQEALNDF
KSIWNNRWLRTISVILFLNKQDLLAEKVLAGKSKIEDYFPEFARYTTPEDATPEPGEDPRVTRAKYFIRDEFLRISTASG
DGRHYCYPHFTCSVDTENARRIFNDCRDIIQRMHLRQYELL
;
A
4 'polypeptide(L)'
;MKYLLPTAAAGLLLLAAQPAMAQVQLQESGGGLVQPGGSLRLSCAASGFTFSNYKMNWVRQAPGKGLEWVSDISQSGASI
SYTGSVKGRFTISRDNAKNTLYLQMNSLKPEDTAVYYCARCPAPFTRDCFDVTSTTYAYRGQGTQVTVSSAAALEHHHHH
H
;
N
5 'polypeptide(L)'
;MGSLLQSELDQLRQEAEQLKNQIRDARKACADATLSQITNNIDPVGRIQMRTRRTLRGHLAKIYAMHWGTDSRLLVSASQ
DGKLIIWDSYTTNKVHAIPLRSSWVMTCAYAPSGNYVACGGLDNICSIYNLKTREGNVRVSRELAGHTGYLSCCRFLDDN
QIVTSSGDTTCALWDIETGQQTTTFTGHTGDVMSLSLAPDTRLFVSGACDASAKLWDVREGMCRQTFTGHESDINAICFF
PNGNAFATGSDDATCRLFDLRADQELMTYSHDNIICGITSVSFSKSGRLLLAGYDDFNCNVWDALKADRAGVLAGHDNRV
SCLGVTDDGMAVATGSWDSFLKIWN
;
B
#
loop_
_chem_comp.id
_chem_comp.type
_chem_comp.name
_chem_comp.formula
WJS non-polymer '(2~{S})-2-$l^{4}-azanyl-3-[[(2~{R})-3-octadecanoyloxy-2-oxidanyl-propoxy]-oxidanyl-oxidanylidene-$l^{6}-phosphanyl]oxy-propanoic acid' 'C24 H20 N O9 P'
#
# COMPACT_ATOMS: atom_id res chain seq x y z
N THR A 15 -55.53 0.72 33.72
CA THR A 15 -54.79 -0.54 33.84
C THR A 15 -55.40 -1.61 32.97
N ASP A 16 -56.74 -1.60 32.87
CA ASP A 16 -57.41 -2.64 32.09
C ASP A 16 -57.07 -2.53 30.61
N PHE A 17 -56.59 -1.34 30.21
CA PHE A 17 -56.22 -1.08 28.79
C PHE A 17 -54.77 -0.59 28.73
N ARG A 18 -53.91 -1.15 29.59
CA ARG A 18 -52.47 -0.76 29.63
C ARG A 18 -51.61 -2.02 29.77
N TYR A 19 -51.98 -2.91 30.70
CA TYR A 19 -51.25 -4.15 30.93
C TYR A 19 -51.08 -4.96 29.66
N PHE A 20 -52.15 -5.11 28.87
CA PHE A 20 -52.08 -5.95 27.69
C PHE A 20 -51.15 -5.36 26.64
N ILE A 21 -51.23 -4.04 26.43
CA ILE A 21 -50.37 -3.39 25.45
C ILE A 21 -48.92 -3.56 25.84
N TYR A 22 -48.62 -3.34 27.12
CA TYR A 22 -47.24 -3.51 27.57
C TYR A 22 -46.75 -4.93 27.38
N ALA A 23 -47.61 -5.91 27.70
CA ALA A 23 -47.20 -7.31 27.55
C ALA A 23 -46.88 -7.66 26.11
N VAL A 24 -47.81 -7.37 25.20
CA VAL A 24 -47.60 -7.71 23.79
C VAL A 24 -46.38 -6.98 23.24
N THR A 25 -46.26 -5.68 23.50
CA THR A 25 -45.16 -4.92 22.91
C THR A 25 -43.82 -5.43 23.39
N TYR A 26 -43.67 -5.67 24.69
CA TYR A 26 -42.38 -6.11 25.17
C TYR A 26 -42.05 -7.51 24.66
N THR A 27 -43.05 -8.40 24.55
CA THR A 27 -42.77 -9.72 24.01
C THR A 27 -42.25 -9.63 22.58
N VAL A 28 -42.89 -8.82 21.73
CA VAL A 28 -42.42 -8.71 20.35
C VAL A 28 -41.03 -8.10 20.29
N ILE A 29 -40.78 -7.06 21.09
CA ILE A 29 -39.47 -6.41 21.06
C ILE A 29 -38.38 -7.38 21.51
N LEU A 30 -38.74 -8.38 22.31
CA LEU A 30 -37.75 -9.20 23.01
C LEU A 30 -36.64 -9.82 22.14
N VAL A 31 -36.99 -10.68 21.19
CA VAL A 31 -36.02 -11.62 20.63
C VAL A 31 -35.08 -11.02 19.58
N PRO A 32 -35.58 -10.35 18.53
CA PRO A 32 -34.65 -9.78 17.55
C PRO A 32 -33.68 -8.76 18.12
N GLY A 33 -34.00 -8.08 19.21
CA GLY A 33 -33.00 -7.23 19.85
C GLY A 33 -31.83 -8.02 20.38
N LEU A 34 -32.12 -9.15 21.02
CA LEU A 34 -31.06 -10.07 21.44
C LEU A 34 -30.21 -10.47 20.25
N ILE A 35 -30.85 -10.96 19.19
CA ILE A 35 -30.10 -11.49 18.05
C ILE A 35 -29.19 -10.41 17.47
N GLY A 36 -29.77 -9.26 17.15
CA GLY A 36 -29.01 -8.21 16.49
C GLY A 36 -27.86 -7.69 17.32
N ASN A 37 -28.11 -7.35 18.58
CA ASN A 37 -27.03 -6.76 19.35
C ASN A 37 -25.91 -7.75 19.63
N ILE A 38 -26.24 -9.01 19.92
CA ILE A 38 -25.20 -9.98 20.23
C ILE A 38 -24.36 -10.27 18.99
N LEU A 39 -25.02 -10.52 17.86
CA LEU A 39 -24.27 -10.83 16.65
C LEU A 39 -23.41 -9.65 16.22
N ALA A 40 -23.92 -8.43 16.40
CA ALA A 40 -23.17 -7.25 15.97
C ALA A 40 -21.93 -7.03 16.83
N LEU A 41 -22.01 -7.26 18.14
CA LEU A 41 -20.80 -7.15 18.95
C LEU A 41 -19.80 -8.23 18.56
N TRP A 42 -20.30 -9.43 18.20
CA TRP A 42 -19.40 -10.49 17.76
C TRP A 42 -18.67 -10.10 16.48
N VAL A 43 -19.38 -9.52 15.51
CA VAL A 43 -18.75 -9.12 14.26
C VAL A 43 -17.81 -7.93 14.48
N PHE A 44 -18.14 -7.05 15.42
CA PHE A 44 -17.17 -6.00 15.78
C PHE A 44 -15.87 -6.62 16.25
N TYR A 45 -15.97 -7.72 17.01
CA TYR A 45 -14.78 -8.30 17.63
C TYR A 45 -13.70 -8.61 16.61
N GLY A 46 -14.08 -9.11 15.43
CA GLY A 46 -13.12 -9.45 14.41
C GLY A 46 -12.60 -8.28 13.58
N TYR A 47 -13.26 -7.13 13.63
CA TYR A 47 -12.84 -6.00 12.81
C TYR A 47 -11.60 -5.32 13.39
N MET A 48 -11.33 -5.53 14.67
CA MET A 48 -10.07 -5.05 15.23
C MET A 48 -8.97 -6.10 15.19
N LYS A 49 -9.31 -7.38 15.02
CA LYS A 49 -8.30 -8.40 14.83
C LYS A 49 -7.66 -8.35 13.45
N GLU A 50 -8.23 -7.56 12.54
CA GLU A 50 -7.69 -7.42 11.19
C GLU A 50 -7.40 -5.99 10.80
N THR A 51 -8.23 -5.04 11.21
CA THR A 51 -8.03 -3.63 10.93
C THR A 51 -7.73 -2.92 12.24
N LYS A 52 -6.58 -2.24 12.33
CA LYS A 52 -6.15 -1.64 13.58
C LYS A 52 -6.85 -0.29 13.80
N ARG A 53 -8.18 -0.32 13.66
CA ARG A 53 -9.00 0.87 13.78
C ARG A 53 -9.93 0.70 14.97
N ALA A 54 -10.49 1.81 15.42
CA ALA A 54 -11.36 1.80 16.59
C ALA A 54 -12.83 2.08 16.25
N VAL A 55 -13.69 1.18 16.68
CA VAL A 55 -15.11 1.46 16.79
C VAL A 55 -15.38 1.68 18.27
N ILE A 56 -15.85 2.86 18.65
CA ILE A 56 -16.07 3.20 20.04
C ILE A 56 -17.51 3.64 20.30
N PHE A 57 -18.03 4.58 19.52
CA PHE A 57 -19.41 4.98 19.64
C PHE A 57 -20.35 3.86 19.24
N MET A 58 -19.96 3.06 18.24
CA MET A 58 -20.76 1.90 17.87
C MET A 58 -20.83 0.86 18.99
N ILE A 59 -19.70 0.57 19.64
CA ILE A 59 -19.69 -0.41 20.74
C ILE A 59 -20.55 0.07 21.89
N ASN A 60 -20.45 1.35 22.23
CA ASN A 60 -21.26 1.84 23.32
C ASN A 60 -22.75 1.87 22.99
N LEU A 61 -23.13 2.24 21.76
CA LEU A 61 -24.53 2.03 21.38
C LEU A 61 -24.97 0.60 21.60
N ALA A 62 -24.19 -0.37 21.08
CA ALA A 62 -24.65 -1.75 21.12
C ALA A 62 -24.82 -2.25 22.54
N ILE A 63 -23.90 -1.87 23.44
CA ILE A 63 -24.02 -2.26 24.84
C ILE A 63 -25.27 -1.65 25.48
N ALA A 64 -25.51 -0.35 25.24
CA ALA A 64 -26.67 0.29 25.87
C ALA A 64 -27.97 -0.32 25.39
N ASP A 65 -28.05 -0.64 24.10
CA ASP A 65 -29.25 -1.31 23.60
C ASP A 65 -29.39 -2.71 24.17
N LEU A 66 -28.28 -3.43 24.35
CA LEU A 66 -28.33 -4.78 24.91
C LEU A 66 -28.92 -4.76 26.30
N LEU A 67 -28.44 -3.86 27.15
CA LEU A 67 -28.94 -3.78 28.52
C LEU A 67 -30.43 -3.41 28.55
N GLN A 68 -30.83 -2.47 27.70
CA GLN A 68 -32.24 -2.09 27.70
C GLN A 68 -33.13 -3.27 27.31
N VAL A 69 -32.74 -4.03 26.29
CA VAL A 69 -33.57 -5.18 25.92
C VAL A 69 -33.47 -6.27 26.98
N LEU A 70 -32.39 -6.27 27.76
CA LEU A 70 -32.21 -7.28 28.79
C LEU A 70 -33.19 -7.10 29.93
N SER A 71 -33.50 -5.85 30.31
CA SER A 71 -34.31 -5.61 31.50
C SER A 71 -35.81 -5.89 31.35
N LEU A 72 -36.26 -6.49 30.24
CA LEU A 72 -37.69 -6.63 30.00
C LEU A 72 -38.40 -7.84 30.67
N PRO A 73 -37.81 -9.05 30.75
CA PRO A 73 -38.62 -10.22 31.13
C PRO A 73 -39.36 -10.09 32.45
N LEU A 74 -38.76 -9.47 33.47
CA LEU A 74 -39.49 -9.23 34.70
C LEU A 74 -40.75 -8.42 34.44
N ARG A 75 -40.67 -7.39 33.60
CA ARG A 75 -41.85 -6.62 33.28
C ARG A 75 -42.91 -7.48 32.63
N ILE A 76 -42.51 -8.34 31.69
CA ILE A 76 -43.52 -9.17 31.03
C ILE A 76 -44.21 -10.08 32.04
N PHE A 77 -43.41 -10.71 32.91
CA PHE A 77 -43.98 -11.62 33.91
C PHE A 77 -44.94 -10.89 34.83
N TYR A 78 -44.55 -9.71 35.32
CA TYR A 78 -45.42 -8.97 36.21
C TYR A 78 -46.71 -8.56 35.52
N TYR A 79 -46.61 -8.10 34.27
CA TYR A 79 -47.81 -7.62 33.60
C TYR A 79 -48.73 -8.76 33.20
N LEU A 80 -48.20 -9.99 33.13
CA LEU A 80 -49.10 -11.12 32.88
C LEU A 80 -49.70 -11.70 34.15
N ASN A 81 -48.95 -11.74 35.25
CA ASN A 81 -49.39 -12.46 36.43
C ASN A 81 -49.88 -11.58 37.56
N HIS A 82 -49.72 -10.26 37.46
CA HIS A 82 -50.30 -9.30 38.41
C HIS A 82 -49.74 -9.48 39.83
N ASP A 83 -48.49 -9.88 39.95
CA ASP A 83 -47.88 -10.08 41.27
C ASP A 83 -46.37 -9.89 41.18
N TRP A 84 -45.76 -9.65 42.33
CA TRP A 84 -44.31 -9.45 42.42
C TRP A 84 -43.87 -10.16 43.71
N PRO A 85 -43.36 -11.38 43.60
CA PRO A 85 -42.82 -12.07 44.78
C PRO A 85 -41.34 -11.95 45.14
N PHE A 86 -40.76 -10.78 44.88
CA PHE A 86 -39.31 -10.67 44.96
C PHE A 86 -38.78 -9.55 45.85
N GLY A 87 -39.58 -8.58 46.26
CA GLY A 87 -39.10 -7.54 47.14
C GLY A 87 -38.80 -6.24 46.42
N PRO A 88 -38.78 -5.13 47.17
CA PRO A 88 -38.65 -3.81 46.52
C PRO A 88 -37.23 -3.49 46.04
N GLY A 89 -36.19 -4.05 46.67
CA GLY A 89 -34.84 -3.66 46.33
C GLY A 89 -34.46 -4.01 44.90
N LEU A 90 -35.19 -4.94 44.29
CA LEU A 90 -34.95 -5.34 42.91
C LEU A 90 -35.85 -4.56 41.96
N CYS A 91 -37.09 -4.28 42.38
CA CYS A 91 -38.00 -3.47 41.59
C CYS A 91 -37.41 -2.09 41.31
N MET A 92 -36.85 -1.45 42.34
CA MET A 92 -36.26 -0.14 42.11
C MET A 92 -35.15 -0.20 41.07
N PHE A 93 -34.31 -1.22 41.14
CA PHE A 93 -33.17 -1.30 40.24
C PHE A 93 -33.62 -1.51 38.79
N CYS A 94 -34.64 -2.32 38.57
CA CYS A 94 -35.16 -2.47 37.21
C CYS A 94 -35.72 -1.15 36.67
N PHE A 95 -36.54 -0.48 37.49
CA PHE A 95 -37.13 0.79 37.09
C PHE A 95 -36.05 1.82 36.76
N TYR A 96 -34.89 1.70 37.38
CA TYR A 96 -33.78 2.59 37.06
C TYR A 96 -33.11 2.19 35.75
N LEU A 97 -32.91 0.88 35.56
CA LEU A 97 -32.05 0.41 34.48
C LEU A 97 -32.63 0.77 33.11
N LYS A 98 -33.94 0.61 32.94
CA LYS A 98 -34.51 0.85 31.61
C LYS A 98 -34.23 2.28 31.12
N TYR A 99 -34.51 3.28 31.95
CA TYR A 99 -34.40 4.66 31.50
C TYR A 99 -32.97 5.15 31.42
N VAL A 100 -32.08 4.66 32.30
CA VAL A 100 -30.68 5.01 32.14
C VAL A 100 -30.19 4.58 30.75
N ASN A 101 -30.56 3.38 30.33
CA ASN A 101 -30.09 2.93 29.03
C ASN A 101 -30.70 3.73 27.88
N MET A 102 -31.97 4.12 27.99
CA MET A 102 -32.56 4.93 26.92
C MET A 102 -31.79 6.24 26.71
N TYR A 103 -31.49 6.96 27.77
CA TYR A 103 -30.84 8.26 27.55
C TYR A 103 -29.39 8.11 27.12
N ALA A 104 -28.70 7.04 27.53
CA ALA A 104 -27.37 6.80 26.99
C ALA A 104 -27.42 6.58 25.48
N SER A 105 -28.44 5.86 25.02
CA SER A 105 -28.61 5.63 23.58
C SER A 105 -28.73 6.95 22.80
N ILE A 106 -29.56 7.87 23.29
CA ILE A 106 -29.70 9.19 22.63
C ILE A 106 -28.37 9.93 22.56
N TYR A 107 -27.60 9.93 23.67
CA TYR A 107 -26.29 10.58 23.70
C TYR A 107 -25.36 10.08 22.61
N PHE A 108 -25.30 8.77 22.43
CA PHE A 108 -24.35 8.24 21.46
C PHE A 108 -24.78 8.48 20.02
N LEU A 109 -26.09 8.47 19.75
CA LEU A 109 -26.53 8.85 18.40
C LEU A 109 -26.10 10.27 18.05
N VAL A 110 -26.21 11.21 18.98
CA VAL A 110 -25.77 12.57 18.68
C VAL A 110 -24.26 12.64 18.41
N CYS A 111 -23.47 11.88 19.17
CA CYS A 111 -22.02 11.87 18.90
C CYS A 111 -21.70 11.40 17.48
N ILE A 112 -22.35 10.34 17.02
CA ILE A 112 -22.08 9.83 15.68
C ILE A 112 -22.46 10.87 14.61
N SER A 113 -23.56 11.57 14.82
CA SER A 113 -23.98 12.61 13.87
C SER A 113 -22.94 13.72 13.74
N VAL A 114 -22.40 14.18 14.87
CA VAL A 114 -21.42 15.27 14.82
C VAL A 114 -20.12 14.82 14.15
N ARG A 115 -19.69 13.57 14.40
CA ARG A 115 -18.48 13.05 13.76
C ARG A 115 -18.60 13.03 12.23
N ARG A 116 -19.74 12.55 11.70
CA ARG A 116 -19.92 12.54 10.25
C ARG A 116 -19.92 13.94 9.68
N PHE A 117 -20.62 14.86 10.34
CA PHE A 117 -20.60 16.25 9.90
C PHE A 117 -19.18 16.77 9.78
N TRP A 118 -18.36 16.49 10.78
CA TRP A 118 -17.01 17.04 10.82
C TRP A 118 -16.28 16.52 9.60
N PHE A 119 -16.12 15.20 9.46
CA PHE A 119 -15.21 14.80 8.40
C PHE A 119 -15.76 14.90 6.99
N LEU A 120 -17.04 15.24 6.79
CA LEU A 120 -17.46 15.49 5.41
C LEU A 120 -17.54 16.97 5.07
N MET A 121 -17.75 17.84 6.05
CA MET A 121 -17.79 19.26 5.76
C MET A 121 -16.40 19.86 5.70
N TYR A 122 -15.49 19.39 6.53
CA TYR A 122 -14.11 19.90 6.60
C TYR A 122 -13.15 18.75 6.39
N PRO A 123 -12.95 18.33 5.13
CA PRO A 123 -12.15 17.13 4.89
C PRO A 123 -10.66 17.32 5.08
N PHE A 124 -10.16 18.53 4.89
CA PHE A 124 -8.70 18.79 5.01
C PHE A 124 -8.25 18.89 6.45
N ARG A 125 -9.15 19.26 7.36
CA ARG A 125 -8.88 19.42 8.81
C ARG A 125 -9.20 18.15 9.58
N PHE A 126 -9.12 16.96 9.00
CA PHE A 126 -9.45 15.75 9.78
C PHE A 126 -8.42 14.67 9.47
N HIS A 127 -7.41 14.55 10.32
CA HIS A 127 -6.35 13.50 10.19
C HIS A 127 -6.60 12.43 11.27
N ASP A 128 -5.79 11.38 11.30
CA ASP A 128 -5.98 10.26 12.26
C ASP A 128 -5.43 10.56 13.65
N CYS A 129 -4.79 11.72 13.86
CA CYS A 129 -4.24 12.05 15.20
C CYS A 129 -5.26 12.93 15.97
N LYS A 130 -6.47 13.07 15.42
CA LYS A 130 -7.53 13.91 16.02
C LYS A 130 -8.42 13.10 16.95
N GLN A 131 -8.66 11.82 16.64
CA GLN A 131 -9.47 10.95 17.51
C GLN A 131 -8.66 10.69 18.79
N LYS A 132 -8.49 11.72 19.62
CA LYS A 132 -7.72 11.58 20.84
C LYS A 132 -8.56 11.22 22.05
N TYR A 133 -9.70 11.86 22.23
CA TYR A 133 -10.46 11.78 23.46
C TYR A 133 -11.77 11.02 23.30
N ASP A 134 -11.89 10.21 22.25
CA ASP A 134 -13.10 9.43 22.06
C ASP A 134 -13.36 8.53 23.24
N LEU A 135 -12.29 8.05 23.89
CA LEU A 135 -12.45 7.31 25.13
C LEU A 135 -12.89 8.24 26.26
N TYR A 136 -12.21 9.37 26.39
CA TYR A 136 -12.53 10.36 27.40
C TYR A 136 -13.97 10.83 27.28
N ILE A 137 -14.48 10.97 26.06
CA ILE A 137 -15.89 11.30 25.87
C ILE A 137 -16.78 10.20 26.44
N SER A 138 -16.56 8.97 26.02
CA SER A 138 -17.53 7.92 26.29
C SER A 138 -17.82 7.82 27.78
N ILE A 139 -16.82 7.42 28.55
CA ILE A 139 -17.01 7.23 29.99
C ILE A 139 -17.62 8.47 30.62
N ALA A 140 -17.13 9.66 30.23
CA ALA A 140 -17.67 10.87 30.85
C ALA A 140 -19.18 10.89 30.76
N GLY A 141 -19.72 10.73 29.55
CA GLY A 141 -21.17 10.70 29.42
C GLY A 141 -21.81 9.57 30.18
N TRP A 142 -21.25 8.36 30.06
CA TRP A 142 -21.81 7.20 30.76
C TRP A 142 -21.92 7.45 32.24
N LEU A 143 -21.25 8.48 32.74
CA LEU A 143 -21.23 8.72 34.18
C LEU A 143 -22.32 9.71 34.56
N ILE A 144 -22.35 10.87 33.90
CA ILE A 144 -23.30 11.91 34.29
C ILE A 144 -24.73 11.40 34.22
N ILE A 145 -25.04 10.64 33.17
CA ILE A 145 -26.40 10.12 33.02
C ILE A 145 -26.75 9.24 34.21
N CYS A 146 -25.85 8.35 34.61
CA CYS A 146 -26.16 7.45 35.72
C CYS A 146 -26.42 8.22 36.99
N LEU A 147 -25.93 9.46 37.05
CA LEU A 147 -26.26 10.33 38.16
C LEU A 147 -27.65 10.93 37.98
N ALA A 148 -27.88 11.63 36.86
CA ALA A 148 -29.05 12.49 36.76
C ALA A 148 -30.35 11.70 36.68
N CYS A 149 -30.27 10.43 36.29
CA CYS A 149 -31.46 9.61 36.19
C CYS A 149 -31.90 9.02 37.53
N VAL A 150 -31.15 9.23 38.60
CA VAL A 150 -31.57 8.69 39.89
C VAL A 150 -32.88 9.32 40.32
N LEU A 151 -33.28 10.43 39.68
CA LEU A 151 -34.56 11.06 39.98
C LEU A 151 -35.73 10.17 39.67
N PHE A 152 -35.53 9.11 38.89
CA PHE A 152 -36.65 8.24 38.55
C PHE A 152 -37.14 7.40 39.72
N PRO A 153 -36.30 6.63 40.42
CA PRO A 153 -36.83 5.88 41.57
C PRO A 153 -37.00 6.68 42.85
N LEU A 154 -36.29 7.80 43.04
CA LEU A 154 -36.52 8.61 44.23
C LEU A 154 -37.90 9.23 44.29
N LEU A 155 -38.45 9.62 43.15
CA LEU A 155 -39.70 10.35 43.08
C LEU A 155 -40.89 9.43 42.86
N ARG A 156 -40.65 8.13 42.95
CA ARG A 156 -41.73 7.17 42.67
C ARG A 156 -42.26 6.49 43.94
N THR A 157 -41.50 6.45 45.03
CA THR A 157 -41.97 5.81 46.28
C THR A 157 -42.50 6.82 47.28
N SER A 158 -43.81 6.81 47.56
CA SER A 158 -44.47 7.75 48.50
C SER A 158 -44.05 7.47 49.94
N ASP A 159 -43.85 8.53 50.73
CA ASP A 159 -43.38 8.40 52.14
C ASP A 159 -44.47 7.78 53.02
N ASP A 160 -44.30 6.51 53.38
CA ASP A 160 -45.23 5.74 54.26
C ASP A 160 -46.42 5.22 53.45
N THR A 161 -46.58 3.89 53.33
CA THR A 161 -47.75 3.37 52.57
C THR A 161 -48.06 1.91 52.95
N SER A 162 -47.07 1.14 53.41
CA SER A 162 -47.28 -0.27 53.83
C SER A 162 -47.59 -1.15 52.61
N GLY A 163 -47.04 -0.80 51.44
CA GLY A 163 -47.26 -1.59 50.21
C GLY A 163 -45.94 -2.11 49.67
N ASN A 164 -45.86 -3.42 49.38
CA ASN A 164 -44.61 -3.97 48.87
C ASN A 164 -44.79 -5.26 48.10
N ARG A 165 -46.01 -5.60 47.67
CA ARG A 165 -46.25 -6.85 46.98
C ARG A 165 -46.71 -6.66 45.54
N THR A 166 -47.73 -5.85 45.30
CA THR A 166 -48.17 -5.55 43.95
C THR A 166 -47.50 -4.31 43.39
N LYS A 167 -46.70 -3.62 44.21
CA LYS A 167 -46.13 -2.34 43.82
C LYS A 167 -44.87 -2.61 43.00
N CYS A 168 -45.05 -2.65 41.69
CA CYS A 168 -43.90 -2.69 40.80
C CYS A 168 -44.29 -2.32 39.38
N PHE A 169 -43.61 -1.30 38.85
CA PHE A 169 -43.55 -0.87 37.45
C PHE A 169 -44.70 -0.04 36.88
N VAL A 170 -45.89 -0.06 37.46
CA VAL A 170 -46.90 0.90 37.06
C VAL A 170 -47.79 1.31 38.23
N ASP A 171 -47.78 0.56 39.33
CA ASP A 171 -48.66 0.79 40.46
C ASP A 171 -47.97 1.52 41.59
N LEU A 172 -46.71 1.90 41.42
CA LEU A 172 -46.01 2.62 42.48
C LEU A 172 -46.71 3.95 42.76
N PRO A 173 -46.67 4.40 44.00
CA PRO A 173 -47.17 5.74 44.32
C PRO A 173 -46.29 6.80 43.69
N THR A 174 -46.75 8.03 43.77
CA THR A 174 -45.98 9.19 43.34
C THR A 174 -45.73 10.10 44.54
N ARG A 175 -44.48 10.49 44.73
CA ARG A 175 -44.16 11.39 45.82
C ARG A 175 -44.93 12.70 45.68
N ASN A 176 -45.42 13.20 46.80
CA ASN A 176 -46.25 14.40 46.80
C ASN A 176 -45.35 15.63 46.81
N VAL A 177 -45.47 16.46 45.78
CA VAL A 177 -44.56 17.58 45.55
C VAL A 177 -45.35 18.86 45.27
N ASN A 178 -44.64 19.98 45.40
CA ASN A 178 -45.19 21.28 45.03
C ASN A 178 -45.25 21.42 43.51
N LEU A 179 -46.29 22.10 43.02
CA LEU A 179 -46.52 22.16 41.59
C LEU A 179 -45.46 22.99 40.87
N ALA A 180 -45.03 24.10 41.49
CA ALA A 180 -44.04 24.96 40.84
C ALA A 180 -42.70 24.27 40.69
N GLN A 181 -42.25 23.55 41.72
CA GLN A 181 -41.03 22.76 41.57
C GLN A 181 -41.19 21.71 40.50
N SER A 182 -42.38 21.12 40.39
CA SER A 182 -42.64 20.18 39.31
C SER A 182 -42.38 20.83 37.97
N VAL A 183 -42.97 22.00 37.74
CA VAL A 183 -42.81 22.66 36.44
C VAL A 183 -41.34 22.94 36.16
N VAL A 184 -40.62 23.44 37.16
CA VAL A 184 -39.21 23.77 36.94
C VAL A 184 -38.42 22.55 36.53
N MET A 185 -38.53 21.47 37.31
CA MET A 185 -37.77 20.26 37.02
C MET A 185 -38.13 19.68 35.66
N MET A 186 -39.42 19.62 35.36
CA MET A 186 -39.87 19.02 34.11
C MET A 186 -39.40 19.81 32.90
N THR A 187 -39.44 21.14 32.99
CA THR A 187 -38.96 21.96 31.88
C THR A 187 -37.47 21.80 31.65
N ILE A 188 -36.68 21.79 32.72
CA ILE A 188 -35.24 21.61 32.52
C ILE A 188 -34.95 20.22 31.94
N GLY A 189 -35.69 19.21 32.37
CA GLY A 189 -35.49 17.88 31.80
C GLY A 189 -35.85 17.80 30.32
N GLU A 190 -36.95 18.43 29.93
CA GLU A 190 -37.32 18.48 28.52
C GLU A 190 -36.27 19.22 27.69
N LEU A 191 -35.70 20.30 28.23
CA LEU A 191 -34.75 21.07 27.44
C LEU A 191 -33.42 20.36 27.32
N ILE A 192 -32.95 19.70 28.37
CA ILE A 192 -31.65 19.05 28.29
C ILE A 192 -31.74 17.71 27.57
N GLY A 193 -32.88 17.04 27.68
CA GLY A 193 -32.96 15.68 27.18
C GLY A 193 -33.48 15.57 25.77
N PHE A 194 -34.21 16.56 25.29
CA PHE A 194 -34.76 16.44 23.95
C PHE A 194 -34.47 17.58 23.00
N VAL A 195 -34.53 18.84 23.46
CA VAL A 195 -34.50 19.96 22.52
C VAL A 195 -33.10 20.14 21.97
N THR A 196 -32.11 20.15 22.85
CA THR A 196 -30.72 20.32 22.41
C THR A 196 -30.26 19.23 21.45
N PRO A 197 -30.41 17.93 21.72
CA PRO A 197 -30.03 16.93 20.74
C PRO A 197 -30.75 17.07 19.41
N LEU A 198 -32.03 17.40 19.42
CA LEU A 198 -32.77 17.50 18.16
C LEU A 198 -32.28 18.66 17.32
N LEU A 199 -32.02 19.80 17.94
CA LEU A 199 -31.48 20.93 17.19
C LEU A 199 -30.13 20.60 16.58
N ILE A 200 -29.23 19.98 17.35
CA ILE A 200 -27.93 19.63 16.81
C ILE A 200 -28.07 18.69 15.63
N VAL A 201 -28.87 17.64 15.77
CA VAL A 201 -28.99 16.64 14.72
C VAL A 201 -29.55 17.25 13.44
N LEU A 202 -30.55 18.13 13.55
CA LEU A 202 -31.11 18.68 12.32
C LEU A 202 -30.15 19.63 11.63
N TYR A 203 -29.46 20.48 12.38
CA TYR A 203 -28.49 21.39 11.75
C TYR A 203 -27.38 20.61 11.05
N CYS A 204 -26.85 19.57 11.70
CA CYS A 204 -25.75 18.82 11.10
C CYS A 204 -26.20 18.00 9.90
N THR A 205 -27.42 17.46 9.91
CA THR A 205 -27.90 16.81 8.70
C THR A 205 -28.05 17.79 7.54
N TRP A 206 -28.50 19.02 7.85
CA TRP A 206 -28.66 20.03 6.80
C TRP A 206 -27.32 20.41 6.18
N LYS A 207 -26.28 20.61 6.98
CA LYS A 207 -24.97 20.89 6.38
C LYS A 207 -24.33 19.68 5.74
N THR A 208 -24.64 18.46 6.17
CA THR A 208 -23.98 17.31 5.56
C THR A 208 -24.59 16.99 4.21
N VAL A 209 -25.89 17.15 4.03
CA VAL A 209 -26.42 16.78 2.72
C VAL A 209 -26.14 17.84 1.66
N LEU A 210 -25.75 19.05 2.05
CA LEU A 210 -25.32 20.03 1.07
C LEU A 210 -23.92 19.76 0.53
N SER A 211 -23.05 19.13 1.30
CA SER A 211 -21.69 18.83 0.89
C SER A 211 -21.58 17.60 0.02
N LEU A 212 -22.63 16.80 -0.12
CA LEU A 212 -22.58 15.62 -0.96
C LEU A 212 -23.27 15.82 -2.29
N GLN A 213 -23.36 17.05 -2.77
CA GLN A 213 -23.93 17.32 -4.08
C GLN A 213 -23.22 18.52 -4.70
N ASP A 214 -23.17 18.53 -6.02
CA ASP A 214 -22.40 19.53 -6.74
C ASP A 214 -22.72 19.50 -8.23
N LYS A 215 -22.46 20.61 -8.92
CA LYS A 215 -22.66 20.67 -10.36
C LYS A 215 -21.44 20.03 -11.05
N TYR A 216 -21.20 18.78 -10.68
CA TYR A 216 -20.19 17.95 -11.32
C TYR A 216 -20.46 16.47 -11.06
N PRO A 217 -21.41 15.87 -11.78
CA PRO A 217 -21.48 14.41 -11.80
C PRO A 217 -20.44 13.85 -12.76
N MET A 218 -19.67 12.89 -12.28
CA MET A 218 -18.60 12.33 -13.11
C MET A 218 -19.05 11.36 -14.18
N ALA A 219 -20.22 10.74 -14.02
CA ALA A 219 -20.81 9.80 -14.96
C ALA A 219 -19.95 8.55 -15.13
N GLN A 220 -18.72 8.57 -14.65
CA GLN A 220 -17.88 7.38 -14.61
C GLN A 220 -17.91 6.79 -13.21
N ASP A 221 -18.84 7.26 -12.38
CA ASP A 221 -18.98 6.97 -10.97
C ASP A 221 -19.68 5.62 -10.76
N LEU A 222 -19.91 5.27 -9.50
CA LEU A 222 -20.75 4.13 -9.16
C LEU A 222 -21.91 4.51 -8.26
N GLY A 223 -22.19 5.79 -8.09
CA GLY A 223 -23.25 6.21 -7.21
C GLY A 223 -22.94 6.02 -5.75
N GLU A 224 -21.80 6.52 -5.29
CA GLU A 224 -21.42 6.32 -3.90
C GLU A 224 -21.86 7.48 -3.01
N LYS A 225 -22.00 8.67 -3.59
CA LYS A 225 -22.41 9.83 -2.82
C LYS A 225 -23.93 9.90 -2.63
N GLN A 226 -24.69 9.33 -3.56
CA GLN A 226 -26.14 9.27 -3.39
C GLN A 226 -26.55 8.28 -2.31
N LYS A 227 -25.87 7.14 -2.18
CA LYS A 227 -26.20 6.22 -1.10
C LYS A 227 -25.95 6.85 0.26
N ALA A 228 -24.85 7.60 0.39
CA ALA A 228 -24.56 8.27 1.64
C ALA A 228 -25.60 9.32 1.95
N LEU A 229 -26.02 10.09 0.94
CA LEU A 229 -27.09 11.07 1.14
C LEU A 229 -28.35 10.39 1.69
N LYS A 230 -28.75 9.28 1.09
CA LYS A 230 -29.98 8.60 1.53
C LYS A 230 -29.86 8.06 2.94
N MET A 231 -28.69 7.50 3.30
CA MET A 231 -28.54 6.97 4.66
C MET A 231 -28.56 8.05 5.73
N ILE A 232 -27.94 9.20 5.48
CA ILE A 232 -28.03 10.30 6.45
C ILE A 232 -29.48 10.72 6.67
N LEU A 233 -30.25 10.83 5.59
CA LEU A 233 -31.66 11.22 5.75
C LEU A 233 -32.46 10.15 6.51
N THR A 234 -32.22 8.87 6.23
CA THR A 234 -32.95 7.83 6.95
C THR A 234 -32.68 7.90 8.45
N CYS A 235 -31.41 8.03 8.84
CA CYS A 235 -31.09 8.09 10.26
C CYS A 235 -31.82 9.23 10.96
N ALA A 236 -31.77 10.43 10.38
CA ALA A 236 -32.44 11.56 11.02
C ALA A 236 -33.94 11.34 11.15
N GLY A 237 -34.57 10.82 10.10
CA GLY A 237 -36.02 10.63 10.15
C GLY A 237 -36.44 9.63 11.21
N VAL A 238 -35.72 8.52 11.32
CA VAL A 238 -36.06 7.53 12.36
C VAL A 238 -35.88 8.10 13.76
N PHE A 239 -34.77 8.81 14.01
CA PHE A 239 -34.60 9.45 15.31
C PHE A 239 -35.82 10.29 15.67
N LEU A 240 -36.22 11.15 14.74
CA LEU A 240 -37.32 12.08 15.01
C LEU A 240 -38.63 11.36 15.29
N ILE A 241 -38.99 10.39 14.45
CA ILE A 241 -40.26 9.69 14.62
C ILE A 241 -40.28 8.87 15.90
N CYS A 242 -39.17 8.20 16.24
CA CYS A 242 -39.21 7.33 17.42
C CYS A 242 -39.08 8.11 18.72
N PHE A 243 -38.65 9.37 18.70
CA PHE A 243 -38.51 10.04 19.99
C PHE A 243 -39.40 11.25 20.20
N ALA A 244 -40.08 11.80 19.19
CA ALA A 244 -40.85 13.01 19.44
C ALA A 244 -42.14 12.78 20.25
N PRO A 245 -42.98 11.79 19.95
CA PRO A 245 -44.22 11.65 20.72
C PRO A 245 -44.04 11.46 22.22
N TYR A 246 -43.05 10.68 22.65
CA TYR A 246 -42.87 10.47 24.08
C TYR A 246 -42.60 11.78 24.79
N HIS A 247 -41.78 12.64 24.18
CA HIS A 247 -41.39 13.86 24.87
C HIS A 247 -42.46 14.94 24.75
N PHE A 248 -43.41 14.79 23.83
CA PHE A 248 -44.58 15.66 23.91
C PHE A 248 -45.58 15.17 24.95
N SER A 249 -45.72 13.86 25.12
CA SER A 249 -46.77 13.35 26.01
C SER A 249 -46.32 13.22 27.46
N PHE A 250 -45.02 13.30 27.74
CA PHE A 250 -44.49 13.11 29.09
C PHE A 250 -45.02 14.06 30.15
N PRO A 251 -45.05 15.38 29.95
CA PRO A 251 -45.52 16.27 31.02
C PRO A 251 -47.00 16.14 31.34
N LEU A 252 -47.85 15.97 30.33
CA LEU A 252 -49.27 15.75 30.59
C LEU A 252 -49.51 14.49 31.40
N ASP A 253 -48.80 13.41 31.08
CA ASP A 253 -48.95 12.18 31.83
C ASP A 253 -48.52 12.35 33.27
N PHE A 254 -47.40 13.05 33.51
CA PHE A 254 -47.00 13.23 34.90
C PHE A 254 -48.01 14.09 35.66
N LEU A 255 -48.59 15.10 35.01
CA LEU A 255 -49.57 15.90 35.73
C LEU A 255 -50.83 15.11 36.04
N VAL A 256 -51.23 14.20 35.16
CA VAL A 256 -52.38 13.34 35.49
C VAL A 256 -52.02 12.40 36.65
N LYS A 257 -50.77 11.95 36.71
CA LYS A 257 -50.37 11.09 37.82
C LYS A 257 -50.34 11.85 39.14
N SER A 258 -50.25 13.17 39.10
CA SER A 258 -50.19 13.99 40.31
C SER A 258 -51.54 14.51 40.74
N ASN A 259 -52.62 14.08 40.07
CA ASN A 259 -53.97 14.54 40.34
C ASN A 259 -54.09 16.06 40.18
N GLU A 260 -53.46 16.59 39.14
CA GLU A 260 -53.64 18.00 38.81
C GLU A 260 -54.77 18.21 37.82
N ILE A 261 -54.92 17.32 36.84
CA ILE A 261 -56.02 17.40 35.90
C ILE A 261 -57.15 16.49 36.40
N LYS A 262 -58.36 17.05 36.47
CA LYS A 262 -59.48 16.39 37.11
C LYS A 262 -60.43 15.70 36.14
N SER A 263 -60.66 16.28 34.97
CA SER A 263 -61.65 15.75 34.05
C SER A 263 -61.34 14.32 33.67
N CYS A 264 -62.36 13.46 33.76
CA CYS A 264 -62.16 12.03 33.49
C CYS A 264 -61.79 11.79 32.04
N LEU A 265 -62.38 12.55 31.12
CA LEU A 265 -62.00 12.46 29.70
C LEU A 265 -60.50 12.67 29.52
N ALA A 266 -59.98 13.78 30.05
CA ALA A 266 -58.56 14.08 29.89
C ALA A 266 -57.71 12.99 30.51
N ARG A 267 -58.10 12.49 31.69
CA ARG A 267 -57.33 11.43 32.33
C ARG A 267 -57.25 10.20 31.44
N ARG A 268 -58.39 9.71 30.96
CA ARG A 268 -58.36 8.48 30.19
C ARG A 268 -57.58 8.66 28.90
N VAL A 269 -57.81 9.77 28.19
CA VAL A 269 -57.11 9.99 26.94
C VAL A 269 -55.61 10.06 27.16
N ILE A 270 -55.18 10.84 28.15
CA ILE A 270 -53.75 11.05 28.34
C ILE A 270 -53.06 9.75 28.71
N LEU A 271 -53.70 8.95 29.56
CA LEU A 271 -53.07 7.68 29.93
C LEU A 271 -52.90 6.77 28.71
N ILE A 272 -53.93 6.66 27.88
CA ILE A 272 -53.83 5.76 26.73
C ILE A 272 -52.74 6.23 25.77
N PHE A 273 -52.71 7.54 25.51
CA PHE A 273 -51.76 8.09 24.56
C PHE A 273 -50.32 7.89 25.04
N HIS A 274 -50.05 8.11 26.33
CA HIS A 274 -48.69 7.92 26.81
C HIS A 274 -48.28 6.46 26.79
N SER A 275 -49.23 5.55 27.05
CA SER A 275 -48.90 4.13 26.90
C SER A 275 -48.41 3.84 25.49
N VAL A 276 -49.14 4.33 24.48
CA VAL A 276 -48.72 4.07 23.10
C VAL A 276 -47.37 4.71 22.82
N ALA A 277 -47.16 5.95 23.26
CA ALA A 277 -45.93 6.65 22.97
C ALA A 277 -44.72 5.94 23.56
N LEU A 278 -44.85 5.44 24.78
CA LEU A 278 -43.73 4.75 25.41
C LEU A 278 -43.40 3.45 24.68
N CYS A 279 -44.43 2.71 24.26
CA CYS A 279 -44.16 1.52 23.48
C CYS A 279 -43.44 1.85 22.18
N LEU A 280 -43.81 2.96 21.54
CA LEU A 280 -43.18 3.33 20.27
C LEU A 280 -41.73 3.80 20.48
N ALA A 281 -41.43 4.42 21.61
CA ALA A 281 -40.04 4.81 21.88
C ALA A 281 -39.18 3.65 22.34
N SER A 282 -39.78 2.51 22.69
CA SER A 282 -38.99 1.34 23.05
C SER A 282 -38.42 0.57 21.85
N LEU A 283 -38.83 0.88 20.61
CA LEU A 283 -38.42 0.09 19.44
C LEU A 283 -37.05 0.45 18.88
N ASN A 284 -36.45 1.57 19.27
CA ASN A 284 -35.13 1.89 18.75
C ASN A 284 -34.09 0.86 19.09
N SER A 285 -34.19 0.18 20.23
CA SER A 285 -33.20 -0.83 20.54
C SER A 285 -33.20 -1.98 19.54
N CYS A 286 -34.31 -2.17 18.81
CA CYS A 286 -34.35 -3.15 17.72
C CYS A 286 -34.10 -2.56 16.34
N LEU A 287 -34.50 -1.31 16.10
CA LEU A 287 -34.28 -0.72 14.78
C LEU A 287 -32.91 -0.08 14.62
N ASP A 288 -32.11 0.03 15.67
CA ASP A 288 -30.75 0.56 15.50
C ASP A 288 -29.80 -0.40 14.80
N PRO A 289 -29.75 -1.69 15.08
CA PRO A 289 -28.78 -2.54 14.37
C PRO A 289 -29.07 -2.72 12.91
N VAL A 290 -30.22 -2.31 12.43
CA VAL A 290 -30.58 -2.40 11.02
C VAL A 290 -30.18 -1.16 10.24
N ILE A 291 -30.04 -0.02 10.90
CA ILE A 291 -29.81 1.24 10.20
C ILE A 291 -28.36 1.66 10.22
N TYR A 292 -27.67 1.56 11.35
CA TYR A 292 -26.32 2.08 11.45
C TYR A 292 -25.25 1.14 10.94
N TYR A 293 -25.22 -0.05 11.51
CA TYR A 293 -24.58 -1.21 10.92
C TYR A 293 -25.59 -2.30 10.56
N PHE A 294 -25.12 -3.33 9.86
CA PHE A 294 -25.88 -4.33 9.08
C PHE A 294 -26.33 -3.78 7.73
N SER A 295 -26.03 -2.55 7.40
CA SER A 295 -26.23 -2.05 6.05
C SER A 295 -24.95 -1.54 5.42
N THR A 296 -23.83 -1.60 6.14
CA THR A 296 -22.55 -1.19 5.59
C THR A 296 -22.02 -2.26 4.64
N ASN A 297 -20.97 -1.92 3.91
CA ASN A 297 -20.29 -2.90 3.08
C ASN A 297 -19.33 -3.74 3.89
N GLU A 298 -18.97 -3.28 5.09
CA GLU A 298 -18.03 -4.00 5.94
C GLU A 298 -18.72 -5.09 6.74
N PHE A 299 -20.04 -5.05 6.86
CA PHE A 299 -20.78 -6.18 7.40
C PHE A 299 -21.29 -7.13 6.33
N ARG A 300 -21.17 -6.78 5.05
CA ARG A 300 -21.55 -7.70 4.00
C ARG A 300 -20.38 -8.22 3.19
N ARG A 301 -19.15 -7.89 3.57
CA ARG A 301 -17.96 -8.62 3.13
C ARG A 301 -17.49 -9.61 4.18
N ARG A 302 -17.98 -9.48 5.41
CA ARG A 302 -17.81 -10.48 6.45
C ARG A 302 -19.16 -11.14 6.64
N LEU A 303 -19.26 -11.97 7.66
CA LEU A 303 -20.53 -12.56 8.05
C LEU A 303 -21.26 -13.23 6.89
N SER B 8 29.25 -1.80 -31.60
CA SER B 8 30.53 -1.14 -31.84
C SER B 8 31.68 -2.14 -31.83
N ILE B 9 32.86 -1.70 -32.25
CA ILE B 9 34.04 -2.55 -32.15
C ILE B 9 34.52 -2.64 -30.70
N ALA B 10 34.45 -1.52 -29.96
CA ALA B 10 34.88 -1.54 -28.57
C ALA B 10 34.05 -2.50 -27.73
N GLN B 11 32.72 -2.45 -27.87
CA GLN B 11 31.86 -3.28 -27.05
C GLN B 11 32.03 -4.77 -27.35
N ALA B 12 31.97 -5.16 -28.62
CA ALA B 12 32.12 -6.57 -28.96
C ALA B 12 33.54 -7.06 -28.68
N ARG B 13 34.54 -6.21 -28.88
CA ARG B 13 35.91 -6.59 -28.52
C ARG B 13 36.03 -6.87 -27.03
N LYS B 14 35.45 -6.01 -26.19
CA LYS B 14 35.55 -6.23 -24.75
C LYS B 14 34.76 -7.45 -24.32
N LEU B 15 33.61 -7.69 -24.95
CA LEU B 15 32.84 -8.91 -24.66
C LEU B 15 33.67 -10.14 -24.95
N VAL B 16 34.34 -10.16 -26.10
CA VAL B 16 35.16 -11.31 -26.47
C VAL B 16 36.33 -11.47 -25.50
N GLU B 17 36.99 -10.37 -25.13
CA GLU B 17 38.12 -10.47 -24.21
C GLU B 17 37.69 -11.00 -22.85
N GLN B 18 36.52 -10.58 -22.36
CA GLN B 18 36.03 -11.09 -21.08
C GLN B 18 35.72 -12.58 -21.17
N LEU B 19 35.05 -13.01 -22.25
CA LEU B 19 34.76 -14.44 -22.37
C LEU B 19 36.06 -15.25 -22.42
N LYS B 20 37.08 -14.74 -23.12
CA LYS B 20 38.37 -15.42 -23.12
C LYS B 20 38.97 -15.52 -21.73
N MET B 21 38.91 -14.42 -20.96
CA MET B 21 39.46 -14.46 -19.61
C MET B 21 38.74 -15.48 -18.73
N GLU B 22 37.41 -15.58 -18.87
CA GLU B 22 36.65 -16.51 -18.04
C GLU B 22 36.78 -17.95 -18.50
N ALA B 23 37.13 -18.19 -19.77
CA ALA B 23 37.09 -19.55 -20.31
C ALA B 23 38.26 -20.42 -19.89
N ASN B 24 39.26 -19.88 -19.19
CA ASN B 24 40.42 -20.68 -18.79
C ASN B 24 40.59 -20.71 -17.29
N ILE B 25 39.53 -21.00 -16.55
CA ILE B 25 39.55 -21.07 -15.10
C ILE B 25 39.47 -22.54 -14.69
N ASP B 26 40.22 -22.92 -13.64
CA ASP B 26 40.27 -24.30 -13.20
C ASP B 26 38.98 -24.70 -12.47
N ARG B 27 38.57 -25.95 -12.64
CA ARG B 27 37.31 -26.44 -12.12
C ARG B 27 37.52 -27.76 -11.37
N ILE B 28 36.54 -28.13 -10.56
CA ILE B 28 36.57 -29.37 -9.79
C ILE B 28 35.25 -30.11 -10.00
N LYS B 29 35.19 -31.33 -9.47
CA LYS B 29 33.96 -32.12 -9.54
C LYS B 29 32.94 -31.65 -8.51
N VAL B 30 31.67 -31.95 -8.80
CA VAL B 30 30.57 -31.47 -7.96
C VAL B 30 30.59 -32.14 -6.60
N SER B 31 30.91 -33.44 -6.57
CA SER B 31 30.75 -34.20 -5.34
C SER B 31 31.68 -33.71 -4.24
N LYS B 32 32.88 -33.27 -4.60
CA LYS B 32 33.81 -32.79 -3.58
C LYS B 32 33.29 -31.53 -2.90
N ALA B 33 32.72 -30.60 -3.67
CA ALA B 33 32.18 -29.37 -3.11
C ALA B 33 30.92 -29.63 -2.29
N ALA B 34 30.05 -30.53 -2.77
CA ALA B 34 28.88 -30.89 -1.98
C ALA B 34 29.27 -31.52 -0.65
N ALA B 35 30.27 -32.41 -0.68
CA ALA B 35 30.77 -33.01 0.57
C ALA B 35 31.39 -31.97 1.50
N ASP B 36 32.04 -30.93 0.95
CA ASP B 36 32.62 -29.91 1.82
C ASP B 36 31.56 -29.08 2.53
N LEU B 37 30.52 -28.66 1.81
CA LEU B 37 29.44 -27.94 2.47
C LEU B 37 28.80 -28.80 3.56
N MET B 38 28.59 -30.08 3.27
CA MET B 38 27.97 -30.97 4.24
C MET B 38 28.86 -31.14 5.48
N ALA B 39 30.17 -31.22 5.29
CA ALA B 39 31.09 -31.36 6.43
C ALA B 39 31.11 -30.12 7.33
N TYR B 40 31.16 -28.92 6.76
CA TYR B 40 31.05 -27.72 7.62
C TYR B 40 29.74 -27.74 8.39
N CYS B 41 28.63 -28.00 7.69
CA CYS B 41 27.33 -28.01 8.35
C CYS B 41 27.34 -28.95 9.54
N GLU B 42 27.88 -30.15 9.35
CA GLU B 42 27.89 -31.11 10.45
C GLU B 42 28.81 -30.67 11.56
N ALA B 43 29.89 -29.98 11.23
CA ALA B 43 30.86 -29.63 12.26
C ALA B 43 30.33 -28.57 13.23
N HIS B 44 29.48 -27.65 12.77
CA HIS B 44 29.07 -26.59 13.68
C HIS B 44 27.63 -26.70 14.16
N ALA B 45 27.03 -27.90 14.10
CA ALA B 45 25.58 -28.03 14.17
C ALA B 45 25.01 -27.90 15.57
N LYS B 46 25.83 -28.05 16.60
CA LYS B 46 25.33 -27.89 17.97
C LYS B 46 25.66 -26.53 18.58
N GLU B 47 26.22 -25.61 17.80
CA GLU B 47 26.43 -24.25 18.25
C GLU B 47 25.57 -23.28 17.46
N ASP B 48 24.59 -23.78 16.72
CA ASP B 48 23.61 -22.94 16.04
C ASP B 48 22.46 -22.73 17.01
N PRO B 49 22.23 -21.51 17.52
CA PRO B 49 21.19 -21.32 18.52
C PRO B 49 19.81 -21.01 17.98
N LEU B 50 19.60 -21.13 16.67
CA LEU B 50 18.26 -21.12 16.11
C LEU B 50 17.85 -22.50 15.64
N LEU B 51 18.84 -23.37 15.37
CA LEU B 51 18.56 -24.78 15.10
C LEU B 51 18.26 -25.54 16.38
N THR B 52 19.00 -25.26 17.44
CA THR B 52 18.80 -25.83 18.77
C THR B 52 18.50 -24.69 19.74
N PRO B 53 17.24 -24.49 20.11
CA PRO B 53 16.92 -23.40 21.05
C PRO B 53 17.58 -23.61 22.41
N VAL B 54 17.96 -22.49 23.03
CA VAL B 54 18.67 -22.51 24.30
C VAL B 54 17.69 -22.55 25.47
N PRO B 55 18.12 -22.99 26.65
CA PRO B 55 17.25 -22.90 27.83
C PRO B 55 16.93 -21.46 28.19
N ALA B 56 15.74 -21.26 28.77
CA ALA B 56 15.21 -19.92 28.95
C ALA B 56 16.08 -19.07 29.87
N SER B 57 16.99 -19.69 30.62
CA SER B 57 17.92 -18.92 31.43
C SER B 57 19.01 -18.26 30.60
N GLU B 58 19.34 -18.79 29.42
CA GLU B 58 20.40 -18.28 28.58
C GLU B 58 19.94 -17.30 27.52
N ASN B 59 18.65 -17.31 27.19
CA ASN B 59 18.05 -16.45 26.18
C ASN B 59 17.91 -15.02 26.70
N PRO B 60 18.53 -14.01 26.08
CA PRO B 60 18.35 -12.61 26.54
C PRO B 60 17.00 -12.03 26.21
N PHE B 61 16.21 -12.70 25.38
CA PHE B 61 14.89 -12.24 24.99
C PHE B 61 13.78 -12.99 25.71
N ARG B 62 14.11 -13.83 26.69
CA ARG B 62 13.14 -14.27 27.69
C ARG B 62 13.81 -14.45 29.06
N GLU B 63 15.09 -14.12 29.18
CA GLU B 63 15.81 -14.08 30.46
C GLU B 63 15.72 -15.34 31.29
N LEU C 5 15.00 1.02 39.17
CA LEU C 5 15.83 1.40 38.02
C LEU C 5 17.06 2.17 38.48
N SER C 6 18.25 1.63 38.16
CA SER C 6 19.51 2.24 38.54
C SER C 6 19.80 3.44 37.66
N ALA C 7 21.07 3.85 37.65
CA ALA C 7 21.46 5.04 36.89
C ALA C 7 21.20 4.85 35.39
N GLU C 8 21.74 3.77 34.80
CA GLU C 8 21.65 3.59 33.35
C GLU C 8 20.21 3.42 32.89
N ASP C 9 19.41 2.65 33.64
CA ASP C 9 18.00 2.49 33.28
C ASP C 9 17.28 3.84 33.22
N LYS C 10 17.40 4.65 34.27
CA LYS C 10 16.67 5.91 34.31
C LYS C 10 17.17 6.88 33.25
N ALA C 11 18.48 6.98 33.07
CA ALA C 11 18.99 7.91 32.05
C ALA C 11 18.50 7.51 30.65
N ALA C 12 18.54 6.22 30.33
CA ALA C 12 18.09 5.77 29.01
C ALA C 12 16.61 6.00 28.81
N VAL C 13 15.81 5.89 29.89
CA VAL C 13 14.37 6.15 29.79
C VAL C 13 14.10 7.64 29.57
N GLU C 14 14.81 8.51 30.26
CA GLU C 14 14.59 9.95 30.07
C GLU C 14 14.98 10.38 28.66
N ARG C 15 16.06 9.81 28.14
CA ARG C 15 16.46 10.11 26.76
C ARG C 15 15.43 9.64 25.75
N SER C 16 14.91 8.42 25.89
CA SER C 16 13.95 8.02 24.88
C SER C 16 12.64 8.79 25.00
N LYS C 17 12.32 9.35 26.17
CA LYS C 17 11.09 10.13 26.26
C LYS C 17 11.23 11.52 25.62
N MET C 18 12.39 12.16 25.72
CA MET C 18 12.55 13.40 24.95
C MET C 18 12.44 13.15 23.44
N ILE C 19 13.04 12.06 22.96
CA ILE C 19 12.87 11.71 21.55
C ILE C 19 11.40 11.51 21.20
N GLU C 20 10.62 10.90 22.10
CA GLU C 20 9.20 10.72 21.83
C GLU C 20 8.47 12.06 21.65
N LYS C 21 8.80 13.05 22.47
CA LYS C 21 8.14 14.36 22.31
C LYS C 21 8.47 15.00 20.97
N GLN C 22 9.74 14.98 20.56
CA GLN C 22 10.07 15.63 19.28
C GLN C 22 9.39 14.92 18.10
N LEU C 23 9.35 13.59 18.11
CA LEU C 23 8.63 12.87 17.08
C LEU C 23 7.16 13.22 17.05
N GLN C 24 6.58 13.52 18.23
CA GLN C 24 5.20 13.98 18.28
C GLN C 24 4.98 15.29 17.55
N LYS C 25 5.89 16.25 17.69
CA LYS C 25 5.72 17.46 16.89
C LYS C 25 5.88 17.20 15.40
N ASP C 26 6.79 16.29 15.02
CA ASP C 26 6.99 16.03 13.58
C ASP C 26 5.77 15.43 12.91
N LYS C 27 5.06 14.55 13.60
CA LYS C 27 3.92 13.88 13.01
C LYS C 27 2.86 14.86 12.52
N GLN C 28 2.69 16.00 13.22
CA GLN C 28 1.61 16.91 12.88
C GLN C 28 1.87 17.66 11.58
N VAL C 29 3.09 18.15 11.39
CA VAL C 29 3.45 18.80 10.13
C VAL C 29 3.44 17.81 8.98
N TYR C 30 3.88 16.57 9.21
CA TYR C 30 3.81 15.59 8.14
C TYR C 30 2.38 15.36 7.68
N ARG C 31 1.43 15.31 8.62
CA ARG C 31 0.06 14.98 8.25
C ARG C 31 -0.76 16.12 7.65
N ALA C 32 -0.30 17.36 7.78
CA ALA C 32 -1.00 18.50 7.19
C ALA C 32 -0.36 19.06 5.91
N THR C 33 -0.02 18.17 4.98
CA THR C 33 0.64 18.58 3.75
C THR C 33 0.40 17.45 2.76
N HIS C 34 0.24 17.81 1.49
CA HIS C 34 -0.14 16.82 0.48
C HIS C 34 0.93 16.75 -0.58
N ARG C 35 1.32 15.51 -0.95
CA ARG C 35 2.37 15.19 -1.92
C ARG C 35 1.77 14.81 -3.26
N LEU C 36 2.32 15.37 -4.34
CA LEU C 36 1.87 15.15 -5.70
C LEU C 36 3.05 14.74 -6.56
N LEU C 37 2.85 13.83 -7.51
CA LEU C 37 3.90 13.47 -8.46
C LEU C 37 3.58 14.01 -9.85
N LEU C 38 4.52 14.72 -10.46
CA LEU C 38 4.32 15.31 -11.78
C LEU C 38 4.97 14.44 -12.87
N LEU C 39 4.21 14.06 -13.88
CA LEU C 39 4.73 13.23 -14.96
C LEU C 39 4.34 13.75 -16.35
N GLY C 40 5.18 13.45 -17.31
CA GLY C 40 4.91 13.79 -18.70
C GLY C 40 6.18 13.72 -19.50
N ALA C 41 6.03 13.90 -20.81
CA ALA C 41 7.17 13.92 -21.72
C ALA C 41 7.74 15.32 -21.90
N ASP C 42 8.81 15.42 -22.68
CA ASP C 42 9.54 16.68 -22.81
C ASP C 42 9.00 17.58 -23.90
N ASN C 43 8.18 17.07 -24.80
CA ASN C 43 7.44 17.91 -25.72
C ASN C 43 6.07 18.30 -25.17
N SER C 44 5.92 18.47 -23.85
CA SER C 44 4.61 18.60 -23.25
C SER C 44 4.33 19.95 -22.60
N GLY C 45 5.34 20.67 -22.14
CA GLY C 45 5.08 21.92 -21.45
C GLY C 45 4.94 21.82 -19.96
N LYS C 46 5.49 20.77 -19.37
CA LYS C 46 5.35 20.50 -17.95
C LYS C 46 5.96 21.58 -17.08
N SER C 47 7.12 22.10 -17.50
CA SER C 47 7.82 23.14 -16.76
C SER C 47 7.05 24.45 -16.69
N THR C 48 6.23 24.76 -17.70
CA THR C 48 5.48 26.01 -17.66
C THR C 48 4.35 25.94 -16.63
N ILE C 49 3.73 24.78 -16.48
CA ILE C 49 2.84 24.58 -15.34
C ILE C 49 3.62 24.74 -14.04
N VAL C 50 4.84 24.20 -13.99
CA VAL C 50 5.68 24.36 -12.80
C VAL C 50 5.94 25.84 -12.48
N LYS C 51 6.19 26.64 -13.52
CA LYS C 51 6.51 28.06 -13.33
C LYS C 51 5.29 28.88 -12.96
N GLN C 52 4.15 28.61 -13.61
CA GLN C 52 2.91 29.29 -13.23
C GLN C 52 2.56 28.99 -11.78
N MET C 53 2.96 27.82 -11.29
CA MET C 53 2.74 27.55 -9.87
C MET C 53 3.88 27.97 -8.95
N ARG C 54 4.73 28.91 -9.37
CA ARG C 54 5.71 29.45 -8.41
C ARG C 54 5.19 30.68 -7.68
N ILE C 55 4.21 31.38 -8.26
CA ILE C 55 3.64 32.57 -7.63
C ILE C 55 2.70 32.26 -6.48
N TYR C 56 2.58 31.00 -6.09
CA TYR C 56 1.81 30.61 -4.90
C TYR C 56 2.69 30.22 -3.72
N HIS C 57 4.01 30.28 -3.87
CA HIS C 57 4.95 29.82 -2.85
C HIS C 57 4.64 30.38 -1.48
N THR C 181 22.77 19.22 -10.51
CA THR C 181 23.17 17.89 -10.97
C THR C 181 22.50 16.81 -10.09
N SER C 182 21.32 17.18 -9.60
CA SER C 182 20.52 16.40 -8.66
C SER C 182 19.68 15.36 -9.37
N GLY C 183 19.10 14.46 -8.56
CA GLY C 183 18.24 13.40 -9.03
C GLY C 183 16.75 13.68 -8.95
N ILE C 184 16.32 14.75 -8.28
CA ILE C 184 14.90 15.05 -8.13
C ILE C 184 14.73 16.51 -7.66
N PHE C 185 13.62 17.14 -8.06
CA PHE C 185 13.33 18.56 -7.88
C PHE C 185 11.99 18.74 -7.15
N GLU C 186 11.86 19.77 -6.31
CA GLU C 186 10.63 20.00 -5.56
C GLU C 186 10.17 21.44 -5.67
N THR C 187 8.84 21.64 -5.72
CA THR C 187 8.21 22.96 -5.71
C THR C 187 6.99 22.98 -4.80
N LYS C 188 6.89 24.01 -3.97
CA LYS C 188 5.90 24.14 -2.92
C LYS C 188 4.92 25.26 -3.21
N PHE C 189 3.62 25.00 -3.02
CA PHE C 189 2.65 26.08 -3.17
C PHE C 189 1.52 25.88 -2.18
N GLN C 190 0.71 26.93 -2.00
CA GLN C 190 -0.33 26.99 -0.99
C GLN C 190 -1.57 27.66 -1.56
N VAL C 191 -2.73 27.05 -1.33
CA VAL C 191 -4.02 27.59 -1.80
C VAL C 191 -5.06 27.47 -0.70
N ASP C 192 -5.79 28.55 -0.43
CA ASP C 192 -6.81 28.59 0.63
C ASP C 192 -6.30 28.01 1.94
N LYS C 193 -5.04 28.34 2.26
CA LYS C 193 -4.36 28.00 3.51
C LYS C 193 -3.94 26.54 3.59
N VAL C 194 -3.93 25.80 2.48
CA VAL C 194 -3.53 24.40 2.43
C VAL C 194 -2.22 24.29 1.68
N ASN C 195 -1.40 23.30 2.02
CA ASN C 195 -0.04 23.14 1.50
C ASN C 195 0.12 21.92 0.59
N PHE C 196 0.73 22.14 -0.58
CA PHE C 196 1.03 21.10 -1.55
C PHE C 196 2.53 21.10 -1.88
N HIS C 197 3.12 19.91 -1.96
CA HIS C 197 4.49 19.66 -2.42
C HIS C 197 4.44 18.86 -3.71
N MET C 198 5.06 19.34 -4.77
CA MET C 198 5.03 18.67 -6.05
C MET C 198 6.44 18.24 -6.44
N PHE C 199 6.57 16.99 -6.90
CA PHE C 199 7.86 16.35 -7.13
C PHE C 199 8.07 15.96 -8.59
N ASP C 200 9.22 16.33 -9.11
CA ASP C 200 9.58 16.20 -10.52
C ASP C 200 10.92 15.49 -10.65
N VAL C 201 10.99 14.44 -11.43
CA VAL C 201 12.17 13.58 -11.47
C VAL C 201 13.08 13.99 -12.62
N GLY C 202 14.35 14.21 -12.31
CA GLY C 202 15.33 14.51 -13.33
C GLY C 202 16.63 13.82 -13.01
N ALA C 203 17.37 13.48 -14.07
CA ALA C 203 18.68 12.82 -13.98
C ALA C 203 18.57 11.36 -13.57
N GLN C 204 17.67 10.64 -14.22
CA GLN C 204 17.61 9.19 -14.13
C GLN C 204 17.77 8.62 -15.52
N ARG C 205 17.90 7.31 -15.61
CA ARG C 205 17.87 6.60 -16.88
C ARG C 205 16.43 6.40 -17.32
N ASP C 206 16.25 5.90 -18.52
CA ASP C 206 14.90 5.82 -19.05
C ASP C 206 14.20 4.51 -18.71
N GLU C 207 14.76 3.73 -17.78
CA GLU C 207 14.09 2.54 -17.25
C GLU C 207 13.59 2.82 -15.85
N ARG C 208 12.27 2.74 -15.64
CA ARG C 208 11.68 3.24 -14.40
C ARG C 208 10.78 2.25 -13.65
N ARG C 209 11.00 0.94 -13.77
CA ARG C 209 10.14 -0.01 -13.10
C ARG C 209 10.52 -0.25 -11.65
N LYS C 210 11.55 0.43 -11.15
CA LYS C 210 12.04 0.27 -9.79
C LYS C 210 11.87 1.51 -8.93
N TRP C 211 12.28 2.69 -9.39
CA TRP C 211 12.10 3.85 -8.55
C TRP C 211 10.65 4.31 -8.48
N ILE C 212 9.82 3.95 -9.45
CA ILE C 212 8.41 4.33 -9.43
C ILE C 212 7.72 3.81 -8.19
N GLN C 213 8.19 2.69 -7.65
CA GLN C 213 7.63 2.08 -6.46
C GLN C 213 7.75 2.95 -5.23
N CYS C 214 8.60 3.96 -5.23
CA CYS C 214 8.69 4.83 -4.08
C CYS C 214 7.47 5.69 -3.92
N PHE C 215 6.57 5.71 -4.89
CA PHE C 215 5.48 6.66 -4.91
C PHE C 215 4.12 6.01 -4.72
N ASN C 216 4.03 4.98 -3.88
CA ASN C 216 2.79 4.24 -3.78
C ASN C 216 1.74 4.92 -2.91
N ASP C 217 2.04 6.07 -2.33
CA ASP C 217 1.14 6.70 -1.38
C ASP C 217 1.14 8.23 -1.46
N VAL C 218 1.30 8.78 -2.66
CA VAL C 218 1.03 10.18 -2.90
C VAL C 218 -0.48 10.41 -2.94
N THR C 219 -0.89 11.67 -2.84
CA THR C 219 -2.32 11.98 -2.99
C THR C 219 -2.77 11.85 -4.44
N ALA C 220 -1.96 12.27 -5.41
CA ALA C 220 -2.37 12.22 -6.79
C ALA C 220 -1.16 12.26 -7.71
N ILE C 221 -1.38 11.80 -8.93
CA ILE C 221 -0.44 11.95 -10.03
C ILE C 221 -1.02 12.98 -10.98
N ILE C 222 -0.16 13.79 -11.56
CA ILE C 222 -0.55 14.81 -12.53
C ILE C 222 0.10 14.46 -13.86
N PHE C 223 -0.70 14.13 -14.86
CA PHE C 223 -0.18 13.70 -16.15
C PHE C 223 -0.39 14.83 -17.16
N VAL C 224 0.68 15.31 -17.78
CA VAL C 224 0.57 16.40 -18.75
C VAL C 224 0.80 15.86 -20.16
N VAL C 225 0.00 16.32 -21.13
CA VAL C 225 0.06 15.82 -22.51
C VAL C 225 0.00 16.96 -23.52
N ASP C 226 0.90 16.94 -24.50
CA ASP C 226 0.87 17.85 -25.65
C ASP C 226 -0.19 17.40 -26.64
N SER C 227 -1.31 18.12 -26.70
CA SER C 227 -2.46 17.61 -27.41
C SER C 227 -2.47 17.94 -28.89
N SER C 228 -1.58 18.80 -29.37
CA SER C 228 -1.53 19.18 -30.76
C SER C 228 -0.51 18.40 -31.57
N ASP C 229 0.06 17.34 -31.01
CA ASP C 229 1.13 16.58 -31.64
C ASP C 229 0.56 15.21 -31.99
N TYR C 230 0.03 15.08 -33.21
CA TYR C 230 -0.67 13.87 -33.60
C TYR C 230 0.25 12.67 -33.72
N ASN C 231 1.55 12.88 -33.79
CA ASN C 231 2.49 11.86 -34.19
C ASN C 231 3.08 11.12 -32.99
N ARG C 232 2.81 11.59 -31.76
CA ARG C 232 3.30 10.93 -30.57
C ARG C 232 2.23 10.67 -29.53
N LEU C 233 0.95 10.60 -29.93
CA LEU C 233 -0.13 10.41 -28.98
C LEU C 233 -0.27 8.95 -28.54
N GLN C 234 -0.01 7.99 -29.42
CA GLN C 234 -0.07 6.59 -29.03
C GLN C 234 0.94 6.24 -27.94
N GLU C 235 2.10 6.88 -27.95
CA GLU C 235 3.08 6.67 -26.88
C GLU C 235 2.59 7.21 -25.54
N ALA C 236 1.89 8.35 -25.56
CA ALA C 236 1.28 8.88 -24.34
C ALA C 236 0.17 7.99 -23.81
N LEU C 237 -0.61 7.40 -24.70
CA LEU C 237 -1.63 6.45 -24.28
C LEU C 237 -1.01 5.19 -23.66
N ASN C 238 0.12 4.73 -24.18
CA ASN C 238 0.81 3.57 -23.59
C ASN C 238 1.35 3.90 -22.19
N ASP C 239 1.87 5.12 -22.01
CA ASP C 239 2.25 5.57 -20.66
C ASP C 239 1.08 5.54 -19.68
N PHE C 240 -0.07 6.05 -20.11
CA PHE C 240 -1.24 6.07 -19.24
C PHE C 240 -1.63 4.66 -18.81
N LYS C 241 -1.65 3.71 -19.75
CA LYS C 241 -2.01 2.33 -19.41
C LYS C 241 -1.06 1.68 -18.41
N SER C 242 0.25 1.84 -18.62
CA SER C 242 1.20 1.24 -17.68
C SER C 242 1.06 1.80 -16.28
N ILE C 243 0.85 3.12 -16.16
CA ILE C 243 0.66 3.69 -14.82
C ILE C 243 -0.63 3.15 -14.19
N TRP C 244 -1.72 3.13 -14.94
CA TRP C 244 -3.03 2.74 -14.39
C TRP C 244 -3.02 1.30 -13.89
N ASN C 245 -2.35 0.39 -14.59
CA ASN C 245 -2.49 -1.04 -14.28
C ASN C 245 -1.42 -1.64 -13.36
N ASN C 246 -0.46 -0.86 -12.86
CA ASN C 246 0.58 -1.35 -11.97
C ASN C 246 0.03 -1.74 -10.60
N ARG C 247 0.74 -2.63 -9.91
CA ARG C 247 0.26 -3.27 -8.69
C ARG C 247 0.37 -2.37 -7.47
N TRP C 248 1.37 -1.51 -7.42
CA TRP C 248 1.54 -0.64 -6.27
C TRP C 248 0.99 0.76 -6.51
N LEU C 249 0.37 1.00 -7.66
CA LEU C 249 -0.18 2.30 -8.02
C LEU C 249 -1.65 2.20 -8.38
N ARG C 250 -2.35 1.21 -7.86
CA ARG C 250 -3.73 0.98 -8.23
C ARG C 250 -4.76 1.55 -7.28
N THR C 251 -4.37 2.41 -6.36
CA THR C 251 -5.34 3.11 -5.54
C THR C 251 -5.11 4.60 -5.57
N ILE C 252 -4.48 5.10 -6.62
CA ILE C 252 -4.06 6.49 -6.75
C ILE C 252 -4.80 7.11 -7.92
N SER C 253 -5.24 8.35 -7.74
CA SER C 253 -6.00 9.04 -8.77
C SER C 253 -5.09 9.94 -9.61
N VAL C 254 -5.56 10.25 -10.81
CA VAL C 254 -4.79 10.96 -11.81
C VAL C 254 -5.56 12.20 -12.21
N ILE C 255 -4.87 13.33 -12.31
CA ILE C 255 -5.42 14.55 -12.85
C ILE C 255 -4.73 14.78 -14.20
N LEU C 256 -5.51 14.89 -15.27
CA LEU C 256 -4.98 14.90 -16.63
C LEU C 256 -5.08 16.32 -17.20
N PHE C 257 -3.97 16.84 -17.73
CA PHE C 257 -3.94 18.16 -18.36
C PHE C 257 -3.67 18.01 -19.84
N LEU C 258 -4.57 18.53 -20.66
CA LEU C 258 -4.47 18.45 -22.11
C LEU C 258 -4.00 19.81 -22.63
N ASN C 259 -2.69 19.97 -22.77
CA ASN C 259 -2.02 21.24 -22.92
C ASN C 259 -2.05 21.72 -24.37
N LYS C 260 -1.69 22.98 -24.58
CA LYS C 260 -1.46 23.54 -25.92
C LYS C 260 -2.69 23.45 -26.82
N GLN C 261 -3.73 24.20 -26.46
CA GLN C 261 -5.00 24.17 -27.20
C GLN C 261 -5.03 25.17 -28.35
N ASP C 262 -4.27 26.25 -28.26
CA ASP C 262 -4.19 27.18 -29.38
C ASP C 262 -3.49 26.58 -30.59
N LEU C 263 -2.45 25.78 -30.38
CA LEU C 263 -1.86 25.06 -31.49
C LEU C 263 -2.81 24.08 -32.13
N LEU C 264 -3.61 23.37 -31.33
CA LEU C 264 -4.59 22.45 -31.91
C LEU C 264 -5.62 23.20 -32.73
N ALA C 265 -6.09 24.35 -32.24
CA ALA C 265 -7.03 25.15 -33.00
C ALA C 265 -6.45 25.57 -34.35
N GLU C 266 -5.22 26.08 -34.33
CA GLU C 266 -4.59 26.53 -35.58
C GLU C 266 -4.42 25.39 -36.57
N LYS C 267 -3.98 24.22 -36.10
CA LYS C 267 -3.83 23.08 -37.00
C LYS C 267 -5.15 22.64 -37.60
N VAL C 268 -6.20 22.54 -36.79
CA VAL C 268 -7.47 22.07 -37.32
C VAL C 268 -8.00 23.03 -38.37
N LEU C 269 -7.84 24.33 -38.14
CA LEU C 269 -8.35 25.29 -39.11
C LEU C 269 -7.50 25.32 -40.38
N ALA C 270 -6.18 25.16 -40.24
CA ALA C 270 -5.31 25.28 -41.40
C ALA C 270 -5.61 24.20 -42.45
N GLY C 271 -5.93 22.99 -42.00
CA GLY C 271 -6.40 21.94 -42.90
C GLY C 271 -5.34 21.11 -43.58
N LYS C 272 -4.08 21.21 -43.17
CA LYS C 272 -3.01 20.49 -43.88
C LYS C 272 -2.86 19.06 -43.38
N SER C 273 -3.07 18.80 -42.09
CA SER C 273 -2.86 17.46 -41.53
C SER C 273 -4.16 16.93 -40.95
N LYS C 274 -4.24 15.60 -40.86
CA LYS C 274 -5.49 14.91 -40.55
C LYS C 274 -5.33 13.97 -39.36
N ILE C 275 -6.36 13.91 -38.53
CA ILE C 275 -6.33 13.00 -37.39
C ILE C 275 -6.46 11.56 -37.84
N GLU C 276 -7.36 11.27 -38.78
CA GLU C 276 -7.63 9.87 -39.09
C GLU C 276 -6.57 9.21 -39.94
N ASP C 277 -5.45 9.88 -40.21
CA ASP C 277 -4.25 9.20 -40.69
C ASP C 277 -3.56 8.40 -39.59
N TYR C 278 -3.75 8.77 -38.32
CA TYR C 278 -3.15 8.07 -37.20
C TYR C 278 -4.16 7.28 -36.39
N PHE C 279 -5.42 7.73 -36.35
CA PHE C 279 -6.50 7.09 -35.60
C PHE C 279 -7.65 6.88 -36.56
N PRO C 280 -7.79 5.69 -37.13
CA PRO C 280 -8.77 5.50 -38.20
C PRO C 280 -10.22 5.67 -37.79
N GLU C 281 -10.52 5.61 -36.49
CA GLU C 281 -11.91 5.66 -36.06
C GLU C 281 -12.46 7.07 -35.89
N PHE C 282 -11.69 8.11 -36.22
CA PHE C 282 -12.23 9.47 -36.12
C PHE C 282 -13.26 9.73 -37.20
N ALA C 283 -13.30 8.91 -38.24
CA ALA C 283 -14.26 9.16 -39.30
C ALA C 283 -15.69 8.91 -38.83
N ARG C 284 -15.86 8.15 -37.75
CA ARG C 284 -17.18 7.75 -37.27
C ARG C 284 -17.51 8.36 -35.91
N TYR C 285 -17.00 9.55 -35.62
CA TYR C 285 -17.19 10.15 -34.30
C TYR C 285 -18.10 11.37 -34.41
N THR C 286 -19.06 11.46 -33.49
CA THR C 286 -19.91 12.63 -33.37
C THR C 286 -19.82 13.19 -31.96
N THR C 287 -19.83 14.52 -31.86
CA THR C 287 -19.66 15.20 -30.60
C THR C 287 -20.65 14.68 -29.56
N PRO C 288 -20.30 14.69 -28.28
CA PRO C 288 -21.31 14.41 -27.24
C PRO C 288 -22.40 15.47 -27.18
N GLU C 289 -23.51 15.13 -26.52
CA GLU C 289 -24.59 16.10 -26.33
C GLU C 289 -24.27 17.12 -25.25
N ASP C 290 -23.56 16.70 -24.20
CA ASP C 290 -23.21 17.60 -23.11
C ASP C 290 -21.83 18.22 -23.29
N ALA C 291 -21.41 18.42 -24.53
CA ALA C 291 -20.24 19.25 -24.80
C ALA C 291 -20.57 20.68 -24.46
N THR C 292 -19.54 21.47 -24.21
CA THR C 292 -19.70 22.86 -23.76
C THR C 292 -18.84 23.79 -24.61
N PRO C 293 -19.22 24.01 -25.86
CA PRO C 293 -18.50 25.01 -26.70
C PRO C 293 -19.03 26.42 -26.47
N GLU C 294 -18.75 26.97 -25.29
CA GLU C 294 -19.26 28.29 -24.96
C GLU C 294 -18.69 29.43 -25.81
N PRO C 295 -17.37 29.59 -25.97
CA PRO C 295 -16.85 30.86 -26.51
C PRO C 295 -17.23 31.14 -27.96
N GLY C 296 -18.05 30.31 -28.59
CA GLY C 296 -18.37 30.50 -29.99
C GLY C 296 -17.31 29.98 -30.94
N GLU C 297 -16.61 28.91 -30.57
CA GLU C 297 -15.56 28.37 -31.40
C GLU C 297 -16.16 27.46 -32.48
N ASP C 298 -15.33 27.08 -33.43
CA ASP C 298 -15.75 26.29 -34.58
C ASP C 298 -16.14 24.88 -34.15
N PRO C 299 -17.16 24.27 -34.77
CA PRO C 299 -17.49 22.87 -34.43
C PRO C 299 -16.38 21.86 -34.67
N ARG C 300 -15.49 22.15 -35.63
CA ARG C 300 -14.41 21.24 -35.94
C ARG C 300 -13.43 21.09 -34.79
N VAL C 301 -13.03 22.21 -34.19
CA VAL C 301 -12.15 22.19 -33.04
C VAL C 301 -12.79 21.44 -31.88
N THR C 302 -14.11 21.51 -31.77
CA THR C 302 -14.81 20.83 -30.68
C THR C 302 -14.83 19.32 -30.86
N ARG C 303 -15.05 18.85 -32.10
CA ARG C 303 -14.90 17.42 -32.34
C ARG C 303 -13.49 16.94 -31.99
N ALA C 304 -12.48 17.69 -32.44
CA ALA C 304 -11.10 17.27 -32.16
C ALA C 304 -10.84 17.18 -30.65
N LYS C 305 -11.20 18.22 -29.89
CA LYS C 305 -10.97 18.22 -28.46
C LYS C 305 -11.63 17.04 -27.78
N TYR C 306 -12.90 16.78 -28.09
CA TYR C 306 -13.59 15.76 -27.33
C TYR C 306 -13.20 14.35 -27.77
N PHE C 307 -12.77 14.18 -29.01
CA PHE C 307 -12.24 12.87 -29.42
C PHE C 307 -10.98 12.53 -28.64
N ILE C 308 -10.05 13.48 -28.57
CA ILE C 308 -8.80 13.18 -27.87
C ILE C 308 -9.06 12.92 -26.39
N ARG C 309 -10.01 13.64 -25.77
CA ARG C 309 -10.30 13.36 -24.37
C ARG C 309 -10.90 11.97 -24.16
N ASP C 310 -11.83 11.58 -25.02
CA ASP C 310 -12.48 10.29 -24.85
C ASP C 310 -11.52 9.14 -24.97
N GLU C 311 -10.40 9.33 -25.70
CA GLU C 311 -9.41 8.26 -25.80
C GLU C 311 -8.81 7.87 -24.45
N PHE C 312 -8.47 8.83 -23.60
CA PHE C 312 -7.91 8.53 -22.29
C PHE C 312 -8.99 8.02 -21.33
N LEU C 313 -10.21 8.57 -21.44
CA LEU C 313 -11.27 8.13 -20.54
C LEU C 313 -11.72 6.70 -20.81
N ARG C 314 -11.56 6.20 -22.04
CA ARG C 314 -11.85 4.79 -22.30
C ARG C 314 -10.91 3.85 -21.56
N ILE C 315 -9.61 4.13 -21.54
CA ILE C 315 -8.67 3.32 -20.79
C ILE C 315 -8.98 3.37 -19.30
N SER C 316 -9.24 4.56 -18.77
CA SER C 316 -9.43 4.62 -17.32
C SER C 316 -10.74 3.98 -16.88
N THR C 317 -11.74 3.90 -17.75
CA THR C 317 -12.93 3.18 -17.32
C THR C 317 -12.88 1.68 -17.59
N ALA C 318 -12.02 1.21 -18.51
CA ALA C 318 -12.03 -0.21 -18.84
C ALA C 318 -11.67 -1.08 -17.64
N SER C 319 -10.59 -0.74 -16.94
CA SER C 319 -9.99 -1.65 -15.97
C SER C 319 -10.11 -1.14 -14.54
N GLY C 320 -10.82 -0.08 -14.32
CA GLY C 320 -11.01 0.37 -12.97
C GLY C 320 -11.85 -0.60 -12.17
N ASP C 321 -11.80 -0.42 -10.85
CA ASP C 321 -12.51 -1.25 -9.90
C ASP C 321 -13.38 -0.46 -8.92
N GLY C 322 -13.38 0.86 -9.00
CA GLY C 322 -14.08 1.70 -8.07
C GLY C 322 -13.21 2.37 -7.03
N ARG C 323 -11.91 2.15 -7.07
CA ARG C 323 -10.99 2.67 -6.05
C ARG C 323 -10.18 3.87 -6.50
N HIS C 324 -10.31 4.30 -7.75
CA HIS C 324 -9.62 5.50 -8.22
C HIS C 324 -10.31 5.98 -9.49
N TYR C 325 -10.15 7.29 -9.77
CA TYR C 325 -10.78 7.94 -10.92
C TYR C 325 -9.80 8.87 -11.63
N CYS C 326 -10.29 9.52 -12.68
CA CYS C 326 -9.52 10.42 -13.53
C CYS C 326 -10.30 11.71 -13.73
N TYR C 327 -9.61 12.85 -13.75
CA TYR C 327 -10.20 14.18 -13.79
C TYR C 327 -9.57 15.00 -14.92
N PRO C 328 -10.23 15.12 -16.07
CA PRO C 328 -9.61 15.79 -17.23
C PRO C 328 -9.93 17.29 -17.36
N HIS C 329 -8.95 18.08 -17.80
CA HIS C 329 -9.09 19.52 -18.00
C HIS C 329 -8.42 19.95 -19.30
N PHE C 330 -9.00 20.92 -20.01
CA PHE C 330 -8.39 21.51 -21.19
C PHE C 330 -7.62 22.75 -20.78
N THR C 331 -6.39 22.91 -21.27
CA THR C 331 -5.59 24.06 -20.84
C THR C 331 -4.65 24.52 -21.94
N CYS C 332 -4.02 25.68 -21.70
CA CYS C 332 -3.01 26.24 -22.58
C CYS C 332 -1.92 26.91 -21.73
N SER C 333 -1.11 27.72 -22.40
CA SER C 333 0.10 28.23 -21.77
C SER C 333 -0.10 29.54 -21.00
N VAL C 334 -1.23 30.22 -21.21
CA VAL C 334 -1.49 31.50 -20.58
C VAL C 334 -2.59 31.41 -19.52
N ASP C 335 -3.01 30.19 -19.15
CA ASP C 335 -3.97 30.04 -18.08
C ASP C 335 -3.34 30.49 -16.77
N THR C 336 -4.17 31.08 -15.91
CA THR C 336 -3.74 31.55 -14.61
C THR C 336 -4.44 30.84 -13.47
N GLU C 337 -5.20 29.79 -13.74
CA GLU C 337 -6.08 29.20 -12.74
C GLU C 337 -5.94 27.71 -12.59
N ASN C 338 -4.72 27.15 -12.56
CA ASN C 338 -4.56 25.71 -12.45
C ASN C 338 -4.41 25.25 -11.01
N ALA C 339 -3.93 26.13 -10.13
CA ALA C 339 -3.86 25.79 -8.72
C ALA C 339 -5.24 25.61 -8.09
N ARG C 340 -6.22 26.42 -8.49
CA ARG C 340 -7.60 26.27 -8.01
C ARG C 340 -8.22 24.94 -8.47
N ARG C 341 -7.96 24.53 -9.71
CA ARG C 341 -8.42 23.24 -10.18
C ARG C 341 -7.80 22.07 -9.42
N ILE C 342 -6.51 22.13 -9.15
CA ILE C 342 -5.88 21.07 -8.36
C ILE C 342 -6.45 21.03 -6.96
N PHE C 343 -6.69 22.19 -6.35
CA PHE C 343 -7.32 22.26 -5.03
C PHE C 343 -8.66 21.52 -5.02
N ASN C 344 -9.54 21.83 -5.98
CA ASN C 344 -10.87 21.23 -6.03
C ASN C 344 -10.83 19.72 -6.22
N ASP C 345 -9.97 19.23 -7.12
CA ASP C 345 -9.90 17.79 -7.36
C ASP C 345 -9.35 17.02 -6.15
N CYS C 346 -8.36 17.57 -5.45
CA CYS C 346 -7.88 16.89 -4.25
C CYS C 346 -8.92 16.89 -3.14
N ARG C 347 -9.72 17.95 -3.03
CA ARG C 347 -10.81 17.95 -2.05
C ARG C 347 -11.78 16.81 -2.30
N ASP C 348 -12.17 16.61 -3.55
CA ASP C 348 -13.04 15.49 -3.90
C ASP C 348 -12.41 14.14 -3.56
N ILE C 349 -11.11 13.99 -3.84
CA ILE C 349 -10.42 12.72 -3.57
C ILE C 349 -10.43 12.38 -2.08
N ILE C 350 -10.11 13.36 -1.25
CA ILE C 350 -9.94 13.10 0.18
C ILE C 350 -11.29 12.84 0.85
N GLN C 351 -12.35 13.50 0.38
CA GLN C 351 -13.69 13.22 0.87
C GLN C 351 -14.14 11.80 0.51
N ARG C 352 -13.89 11.35 -0.71
CA ARG C 352 -14.27 9.98 -1.09
C ARG C 352 -13.50 8.93 -0.30
N MET C 353 -12.25 9.23 0.08
CA MET C 353 -11.48 8.33 0.94
C MET C 353 -12.03 8.26 2.35
N HIS C 354 -12.42 9.42 2.90
CA HIS C 354 -13.07 9.45 4.21
C HIS C 354 -14.29 8.54 4.23
N LEU C 355 -15.11 8.59 3.18
CA LEU C 355 -16.30 7.76 3.17
C LEU C 355 -15.99 6.27 3.31
N ARG C 356 -14.84 5.81 2.82
CA ARG C 356 -14.46 4.39 2.92
C ARG C 356 -13.81 4.01 4.23
N GLN C 357 -12.78 4.72 4.64
CA GLN C 357 -12.15 4.27 5.90
C GLN C 357 -13.13 4.35 7.06
N TYR C 358 -14.15 5.20 7.03
CA TYR C 358 -15.01 5.31 8.22
C TYR C 358 -16.49 4.99 8.00
N GLU C 359 -16.80 3.78 7.57
CA GLU C 359 -18.20 3.35 7.43
C GLU C 359 -18.64 2.95 8.82
N LEU C 360 -17.72 2.40 9.61
CA LEU C 360 -17.96 1.99 11.01
C LEU C 360 -17.18 2.93 11.91
N LEU C 361 -17.74 4.05 12.36
CA LEU C 361 -16.98 4.95 13.27
C LEU C 361 -17.58 4.88 14.67
N GLN D 23 20.52 -19.09 -19.66
CA GLN D 23 20.66 -17.79 -20.26
C GLN D 23 19.41 -17.55 -21.09
N VAL D 24 18.81 -16.35 -20.98
CA VAL D 24 17.58 -16.06 -21.71
C VAL D 24 17.93 -15.64 -23.13
N GLN D 25 17.31 -16.29 -24.12
CA GLN D 25 17.62 -16.03 -25.52
C GLN D 25 16.34 -15.94 -26.33
N LEU D 26 16.34 -15.02 -27.29
CA LEU D 26 15.23 -14.83 -28.22
C LEU D 26 15.83 -14.58 -29.60
N GLN D 27 15.61 -15.49 -30.54
CA GLN D 27 16.25 -15.42 -31.84
C GLN D 27 15.18 -15.36 -32.94
N GLU D 28 15.24 -14.33 -33.75
CA GLU D 28 14.13 -13.88 -34.60
C GLU D 28 14.56 -13.81 -36.05
N SER D 29 13.68 -14.21 -36.95
CA SER D 29 14.10 -14.42 -38.33
C SER D 29 12.91 -14.28 -39.28
N GLY D 30 13.23 -14.09 -40.56
CA GLY D 30 12.25 -14.00 -41.63
C GLY D 30 12.33 -12.78 -42.51
N GLY D 31 13.27 -11.87 -42.29
CA GLY D 31 13.24 -10.58 -42.94
C GLY D 31 13.73 -10.62 -44.37
N GLY D 32 13.75 -9.43 -44.99
CA GLY D 32 14.18 -9.36 -46.38
C GLY D 32 13.57 -8.26 -47.21
N LEU D 33 13.66 -8.38 -48.54
CA LEU D 33 13.26 -7.34 -49.46
C LEU D 33 11.96 -7.71 -50.19
N VAL D 34 11.04 -6.75 -50.26
CA VAL D 34 9.68 -6.95 -50.75
C VAL D 34 9.34 -5.80 -51.69
N GLN D 35 8.48 -6.05 -52.67
CA GLN D 35 7.94 -4.93 -53.42
C GLN D 35 6.59 -4.52 -52.84
N PRO D 36 6.20 -3.25 -52.96
CA PRO D 36 4.97 -2.80 -52.29
C PRO D 36 3.76 -3.60 -52.74
N GLY D 37 2.87 -3.87 -51.78
CA GLY D 37 1.76 -4.75 -51.99
C GLY D 37 2.00 -6.20 -51.60
N GLY D 38 3.23 -6.57 -51.22
CA GLY D 38 3.58 -7.94 -50.92
C GLY D 38 3.27 -8.35 -49.50
N SER D 39 3.68 -9.57 -49.15
CA SER D 39 3.39 -10.17 -47.86
C SER D 39 4.66 -10.77 -47.29
N LEU D 40 4.62 -11.12 -46.00
CA LEU D 40 5.84 -11.51 -45.31
C LEU D 40 5.45 -12.14 -43.97
N ARG D 41 6.31 -12.99 -43.41
CA ARG D 41 6.08 -13.62 -42.12
C ARG D 41 7.35 -13.66 -41.29
N LEU D 42 7.24 -13.35 -40.00
CA LEU D 42 8.35 -13.31 -39.06
C LEU D 42 8.11 -14.29 -37.91
N SER D 43 9.19 -14.87 -37.39
CA SER D 43 9.06 -15.80 -36.28
C SER D 43 10.21 -15.63 -35.28
N CYS D 44 9.88 -15.84 -34.00
CA CYS D 44 10.82 -15.85 -32.88
C CYS D 44 10.85 -17.24 -32.27
N ALA D 45 12.05 -17.73 -31.96
CA ALA D 45 12.26 -18.91 -31.13
C ALA D 45 12.82 -18.48 -29.79
N ALA D 46 12.21 -18.96 -28.71
CA ALA D 46 12.57 -18.57 -27.35
C ALA D 46 13.32 -19.68 -26.64
N SER D 47 14.08 -19.30 -25.62
CA SER D 47 14.85 -20.27 -24.86
C SER D 47 15.24 -19.68 -23.51
N GLY D 48 15.22 -20.52 -22.47
CA GLY D 48 15.73 -20.14 -21.17
C GLY D 48 14.72 -19.63 -20.16
N PHE D 49 13.43 -19.71 -20.46
CA PHE D 49 12.38 -19.31 -19.52
C PHE D 49 11.15 -20.15 -19.84
N THR D 50 10.25 -20.26 -18.86
CA THR D 50 9.00 -20.97 -19.07
C THR D 50 8.09 -20.10 -19.92
N PHE D 51 7.89 -20.52 -21.17
CA PHE D 51 7.35 -19.62 -22.18
C PHE D 51 5.96 -19.10 -21.83
N SER D 52 5.20 -19.86 -21.04
CA SER D 52 3.76 -19.58 -20.97
C SER D 52 3.34 -18.73 -19.79
N ASN D 53 4.25 -18.16 -19.01
CA ASN D 53 3.86 -17.26 -17.95
C ASN D 53 3.95 -15.80 -18.37
N TYR D 54 4.22 -15.54 -19.65
CA TYR D 54 4.70 -14.25 -20.09
C TYR D 54 3.84 -13.64 -21.20
N LYS D 55 3.82 -12.32 -21.20
CA LYS D 55 3.17 -11.50 -22.21
C LYS D 55 4.21 -11.02 -23.24
N MET D 56 3.87 -11.06 -24.53
CA MET D 56 4.87 -10.85 -25.57
C MET D 56 4.50 -9.71 -26.51
N ASN D 57 5.52 -9.04 -27.08
CA ASN D 57 5.33 -7.81 -27.85
C ASN D 57 6.19 -7.78 -29.11
N TRP D 58 5.82 -6.92 -30.06
CA TRP D 58 6.62 -6.61 -31.23
C TRP D 58 6.84 -5.10 -31.34
N VAL D 59 8.11 -4.68 -31.57
CA VAL D 59 8.49 -3.28 -31.73
C VAL D 59 9.35 -3.12 -32.99
N ARG D 60 9.59 -1.87 -33.40
CA ARG D 60 10.39 -1.63 -34.61
C ARG D 60 11.07 -0.28 -34.57
N GLN D 61 12.14 -0.16 -35.36
CA GLN D 61 12.92 1.06 -35.48
C GLN D 61 13.18 1.39 -36.94
N ALA D 62 12.69 2.55 -37.39
CA ALA D 62 12.87 3.06 -38.74
C ALA D 62 14.15 3.90 -38.83
N PRO D 63 14.63 4.19 -40.04
CA PRO D 63 15.82 5.04 -40.17
C PRO D 63 15.55 6.45 -39.66
N GLY D 64 16.44 6.93 -38.80
CA GLY D 64 16.36 8.29 -38.30
C GLY D 64 15.35 8.55 -37.22
N LYS D 65 14.80 7.53 -36.57
CA LYS D 65 13.82 7.73 -35.51
C LYS D 65 14.19 6.96 -34.26
N GLY D 66 13.22 6.87 -33.34
CA GLY D 66 13.35 6.05 -32.16
C GLY D 66 12.60 4.73 -32.28
N LEU D 67 12.47 4.07 -31.14
CA LEU D 67 11.79 2.78 -31.09
C LEU D 67 10.30 2.98 -30.88
N GLU D 68 9.50 2.19 -31.59
CA GLU D 68 8.07 2.38 -31.74
C GLU D 68 7.34 1.08 -31.51
N TRP D 69 6.22 1.12 -30.78
CA TRP D 69 5.50 -0.08 -30.41
C TRP D 69 4.52 -0.48 -31.52
N VAL D 70 4.52 -1.76 -31.88
CA VAL D 70 3.74 -2.28 -32.99
C VAL D 70 2.58 -3.12 -32.51
N SER D 71 2.83 -4.15 -31.72
CA SER D 71 1.71 -5.05 -31.43
C SER D 71 1.95 -5.86 -30.17
N ASP D 72 0.89 -6.55 -29.72
CA ASP D 72 0.81 -7.04 -28.35
C ASP D 72 -0.07 -8.29 -28.22
N ILE D 73 0.39 -9.30 -27.45
CA ILE D 73 -0.43 -10.49 -27.15
C ILE D 73 -0.13 -10.97 -25.72
N SER D 74 -1.14 -11.55 -25.07
CA SER D 74 -1.03 -11.91 -23.65
C SER D 74 -0.85 -13.41 -23.44
N GLN D 75 -0.86 -13.84 -22.17
CA GLN D 75 -0.38 -15.18 -21.78
C GLN D 75 -1.07 -16.30 -22.53
N SER D 76 -2.38 -16.17 -22.76
CA SER D 76 -3.17 -17.24 -23.34
C SER D 76 -3.45 -17.06 -24.82
N GLY D 77 -3.34 -15.85 -25.35
CA GLY D 77 -3.72 -15.54 -26.70
C GLY D 77 -5.11 -14.95 -26.86
N ALA D 78 -5.77 -14.59 -25.76
CA ALA D 78 -7.15 -14.11 -25.85
C ALA D 78 -7.23 -12.63 -26.16
N SER D 79 -6.35 -11.82 -25.58
CA SER D 79 -6.39 -10.37 -25.74
C SER D 79 -5.25 -9.93 -26.65
N ILE D 80 -5.56 -9.12 -27.66
CA ILE D 80 -4.64 -8.73 -28.71
C ILE D 80 -4.71 -7.22 -28.86
N SER D 81 -3.67 -6.59 -29.37
CA SER D 81 -3.73 -5.16 -29.58
C SER D 81 -2.76 -4.68 -30.66
N TYR D 82 -3.18 -3.62 -31.38
CA TYR D 82 -2.48 -3.06 -32.52
C TYR D 82 -2.40 -1.53 -32.45
N THR D 83 -1.38 -0.98 -33.10
CA THR D 83 -1.25 0.45 -33.26
C THR D 83 -2.12 0.92 -34.43
N GLY D 84 -2.29 2.24 -34.53
CA GLY D 84 -3.29 2.77 -35.42
C GLY D 84 -3.00 2.55 -36.89
N SER D 85 -1.74 2.58 -37.29
CA SER D 85 -1.42 2.58 -38.71
C SER D 85 -1.30 1.19 -39.32
N VAL D 86 -1.36 0.12 -38.54
CA VAL D 86 -1.30 -1.25 -39.05
C VAL D 86 -2.54 -2.02 -38.67
N LYS D 87 -3.65 -1.35 -38.38
CA LYS D 87 -4.69 -2.02 -37.61
C LYS D 87 -5.48 -3.02 -38.44
N GLY D 88 -5.50 -2.85 -39.76
CA GLY D 88 -6.16 -3.81 -40.62
C GLY D 88 -5.28 -4.77 -41.39
N ARG D 89 -3.96 -4.76 -41.19
CA ARG D 89 -3.05 -5.46 -42.09
C ARG D 89 -2.16 -6.50 -41.43
N PHE D 90 -1.74 -6.31 -40.18
CA PHE D 90 -0.82 -7.22 -39.50
C PHE D 90 -1.58 -8.14 -38.56
N THR D 91 -1.00 -9.32 -38.27
CA THR D 91 -1.63 -10.27 -37.35
C THR D 91 -0.60 -11.02 -36.51
N ILE D 92 -0.87 -11.17 -35.20
CA ILE D 92 0.08 -11.67 -34.22
C ILE D 92 -0.43 -12.98 -33.60
N SER D 93 0.45 -13.95 -33.38
CA SER D 93 0.04 -15.16 -32.67
C SER D 93 1.23 -15.90 -32.04
N ARG D 94 0.93 -16.86 -31.16
CA ARG D 94 1.93 -17.56 -30.37
C ARG D 94 1.61 -19.05 -30.28
N ASP D 95 2.64 -19.88 -30.06
CA ASP D 95 2.49 -21.33 -29.92
C ASP D 95 3.33 -21.81 -28.75
N ASN D 96 2.67 -22.19 -27.64
CA ASN D 96 3.34 -22.49 -26.38
C ASN D 96 3.97 -23.87 -26.34
N ALA D 97 3.51 -24.81 -27.16
CA ALA D 97 4.13 -26.12 -27.23
C ALA D 97 5.44 -26.13 -27.99
N LYS D 98 5.61 -25.21 -28.94
CA LYS D 98 6.85 -25.07 -29.70
C LYS D 98 7.69 -23.89 -29.25
N ASN D 99 7.25 -23.13 -28.24
CA ASN D 99 7.97 -21.95 -27.73
C ASN D 99 8.20 -20.89 -28.80
N THR D 100 7.19 -20.60 -29.62
CA THR D 100 7.43 -19.75 -30.79
C THR D 100 6.43 -18.61 -30.88
N LEU D 101 6.87 -17.47 -31.44
CA LEU D 101 6.03 -16.30 -31.66
C LEU D 101 6.02 -15.94 -33.15
N TYR D 102 4.90 -15.40 -33.65
CA TYR D 102 4.75 -15.11 -35.08
C TYR D 102 4.08 -13.77 -35.33
N LEU D 103 4.49 -13.12 -36.42
CA LEU D 103 3.80 -11.94 -36.97
C LEU D 103 3.64 -12.11 -38.48
N GLN D 104 2.47 -11.78 -39.03
CA GLN D 104 2.29 -11.86 -40.47
C GLN D 104 1.77 -10.55 -41.06
N MET D 105 2.40 -10.11 -42.14
CA MET D 105 2.24 -8.76 -42.69
C MET D 105 1.75 -8.86 -44.13
N ASN D 106 0.60 -8.23 -44.43
CA ASN D 106 -0.13 -8.55 -45.65
C ASN D 106 0.02 -7.55 -46.79
N SER D 107 0.14 -6.25 -46.52
CA SER D 107 0.17 -5.29 -47.63
C SER D 107 1.16 -4.19 -47.28
N LEU D 108 2.39 -4.33 -47.75
CA LEU D 108 3.46 -3.49 -47.23
C LEU D 108 3.57 -2.19 -48.03
N LYS D 109 4.03 -1.15 -47.34
CA LYS D 109 4.19 0.20 -47.83
C LYS D 109 5.64 0.63 -47.66
N PRO D 110 6.09 1.66 -48.38
CA PRO D 110 7.47 2.12 -48.21
C PRO D 110 7.78 2.61 -46.81
N GLU D 111 6.76 2.91 -46.01
CA GLU D 111 6.95 3.41 -44.65
C GLU D 111 7.26 2.30 -43.66
N ASP D 112 7.25 1.04 -44.09
CA ASP D 112 7.50 -0.09 -43.20
C ASP D 112 8.95 -0.58 -43.22
N THR D 113 9.83 0.10 -43.94
CA THR D 113 11.23 -0.28 -43.99
C THR D 113 11.88 -0.01 -42.64
N ALA D 114 12.27 -1.07 -41.93
CA ALA D 114 12.78 -0.87 -40.57
C ALA D 114 13.40 -2.16 -40.07
N VAL D 115 13.89 -2.11 -38.83
CA VAL D 115 14.34 -3.30 -38.11
C VAL D 115 13.28 -3.68 -37.09
N TYR D 116 12.96 -4.97 -36.99
CA TYR D 116 11.91 -5.50 -36.13
C TYR D 116 12.48 -6.33 -34.99
N TYR D 117 11.97 -6.10 -33.77
CA TYR D 117 12.43 -6.76 -32.57
C TYR D 117 11.28 -7.41 -31.81
N CYS D 118 11.63 -8.45 -31.08
CA CYS D 118 10.69 -9.28 -30.33
C CYS D 118 10.96 -9.08 -28.85
N ALA D 119 9.94 -8.69 -28.09
CA ALA D 119 10.22 -8.30 -26.71
C ALA D 119 9.36 -9.05 -25.71
N ARG D 120 9.88 -9.19 -24.50
CA ARG D 120 9.27 -9.90 -23.38
C ARG D 120 8.96 -8.93 -22.25
N CYS D 121 7.91 -9.23 -21.50
CA CYS D 121 7.59 -8.45 -20.30
C CYS D 121 8.48 -8.84 -19.14
N PRO D 122 8.86 -7.89 -18.28
CA PRO D 122 9.87 -8.18 -17.25
C PRO D 122 9.54 -9.28 -16.26
N ALA D 123 8.28 -9.45 -15.84
CA ALA D 123 7.96 -10.37 -14.75
C ALA D 123 6.77 -11.22 -15.14
N PRO D 124 6.59 -12.39 -14.49
CA PRO D 124 5.42 -13.22 -14.81
C PRO D 124 4.17 -12.79 -14.06
N PHE D 125 3.02 -13.24 -14.58
CA PHE D 125 1.71 -13.04 -13.95
C PHE D 125 1.39 -11.56 -13.70
N THR D 126 1.59 -10.72 -14.70
CA THR D 126 1.53 -9.28 -14.52
C THR D 126 0.70 -8.66 -15.65
N ARG D 127 0.14 -7.48 -15.38
CA ARG D 127 -0.75 -6.79 -16.32
C ARG D 127 -0.14 -5.58 -17.01
N ASP D 128 0.65 -4.79 -16.30
CA ASP D 128 1.38 -3.69 -16.93
C ASP D 128 2.66 -4.18 -17.58
N CYS D 129 3.26 -3.31 -18.41
CA CYS D 129 4.40 -3.66 -19.26
C CYS D 129 5.31 -2.44 -19.37
N PHE D 130 6.21 -2.30 -18.40
CA PHE D 130 7.15 -1.18 -18.36
C PHE D 130 8.43 -1.45 -19.13
N ASP D 131 8.93 -0.39 -19.78
CA ASP D 131 10.29 -0.26 -20.28
C ASP D 131 10.62 -1.04 -21.53
N VAL D 132 9.63 -1.43 -22.34
CA VAL D 132 9.91 -2.39 -23.40
C VAL D 132 10.42 -1.69 -24.67
N THR D 133 10.27 -0.38 -24.77
CA THR D 133 10.83 0.37 -25.88
C THR D 133 12.01 1.23 -25.49
N SER D 134 12.56 1.04 -24.31
CA SER D 134 13.66 1.88 -23.89
C SER D 134 14.89 1.59 -24.75
N THR D 135 15.94 2.40 -24.55
CA THR D 135 17.10 2.33 -25.44
C THR D 135 17.89 1.04 -25.21
N THR D 136 18.26 0.78 -23.96
CA THR D 136 18.80 -0.50 -23.54
C THR D 136 17.68 -1.23 -22.80
N TYR D 137 17.55 -2.52 -23.06
CA TYR D 137 16.57 -3.37 -22.43
C TYR D 137 17.10 -4.79 -22.55
N ALA D 138 16.98 -5.56 -21.48
CA ALA D 138 17.69 -6.84 -21.41
C ALA D 138 16.95 -7.99 -22.07
N TYR D 139 15.63 -7.95 -22.21
CA TYR D 139 14.90 -9.14 -22.67
C TYR D 139 14.35 -8.91 -24.07
N ARG D 140 15.20 -8.37 -24.93
CA ARG D 140 14.92 -8.05 -26.31
C ARG D 140 15.99 -8.72 -27.16
N GLY D 141 15.63 -9.11 -28.37
CA GLY D 141 16.53 -9.81 -29.25
C GLY D 141 17.31 -8.86 -30.15
N GLN D 142 17.95 -9.46 -31.17
CA GLN D 142 18.91 -8.78 -32.05
C GLN D 142 18.27 -8.10 -33.25
N GLY D 143 17.12 -8.56 -33.73
CA GLY D 143 16.42 -7.85 -34.78
C GLY D 143 16.48 -8.47 -36.16
N THR D 144 15.56 -8.08 -37.04
CA THR D 144 15.59 -8.50 -38.43
C THR D 144 15.22 -7.34 -39.34
N GLN D 145 15.91 -7.23 -40.48
CA GLN D 145 15.73 -6.12 -41.39
C GLN D 145 14.62 -6.42 -42.39
N VAL D 146 13.74 -5.44 -42.63
CA VAL D 146 12.68 -5.55 -43.61
C VAL D 146 12.75 -4.31 -44.49
N THR D 147 12.84 -4.51 -45.81
CA THR D 147 12.95 -3.44 -46.79
C THR D 147 11.85 -3.58 -47.82
N VAL D 148 11.09 -2.51 -48.03
CA VAL D 148 9.97 -2.52 -48.97
C VAL D 148 10.24 -1.50 -50.06
N SER D 149 10.31 -1.97 -51.30
CA SER D 149 10.59 -1.09 -52.42
C SER D 149 10.33 -1.80 -53.74
N GLU E 8 34.39 -7.60 -39.12
CA GLU E 8 33.61 -6.64 -38.33
C GLU E 8 32.99 -7.28 -37.09
N LEU E 9 31.78 -6.83 -36.73
CA LEU E 9 31.16 -7.31 -35.50
C LEU E 9 30.49 -8.67 -35.68
N ASP E 10 30.18 -9.07 -36.92
CA ASP E 10 29.61 -10.40 -37.12
C ASP E 10 30.57 -11.49 -36.68
N GLN E 11 31.85 -11.35 -37.05
CA GLN E 11 32.85 -12.32 -36.63
C GLN E 11 33.07 -12.26 -35.13
N LEU E 12 33.04 -11.06 -34.55
CA LEU E 12 33.21 -10.95 -33.10
C LEU E 12 32.10 -11.70 -32.37
N ARG E 13 30.85 -11.55 -32.83
CA ARG E 13 29.75 -12.27 -32.21
C ARG E 13 29.84 -13.77 -32.43
N GLN E 14 30.28 -14.20 -33.63
CA GLN E 14 30.43 -15.64 -33.86
C GLN E 14 31.47 -16.25 -32.93
N GLU E 15 32.60 -15.56 -32.77
CA GLU E 15 33.61 -15.99 -31.81
C GLU E 15 33.04 -16.04 -30.39
N ALA E 16 32.22 -15.05 -30.03
CA ALA E 16 31.61 -15.05 -28.70
C ALA E 16 30.72 -16.28 -28.50
N GLU E 17 29.90 -16.61 -29.49
CA GLU E 17 29.05 -17.79 -29.36
C GLU E 17 29.87 -19.07 -29.21
N GLN E 18 30.97 -19.17 -29.98
CA GLN E 18 31.83 -20.34 -29.85
C GLN E 18 32.42 -20.44 -28.44
N LEU E 19 32.90 -19.33 -27.88
CA LEU E 19 33.44 -19.36 -26.53
C LEU E 19 32.38 -19.72 -25.50
N LYS E 20 31.13 -19.29 -25.71
CA LYS E 20 30.07 -19.69 -24.79
C LYS E 20 29.80 -21.19 -24.87
N ASN E 21 29.78 -21.77 -26.07
CA ASN E 21 29.65 -23.22 -26.20
C ASN E 21 30.77 -23.93 -25.44
N GLN E 22 31.99 -23.43 -25.56
CA GLN E 22 33.13 -24.05 -24.89
C GLN E 22 32.96 -24.00 -23.38
N ILE E 23 32.51 -22.86 -22.84
CA ILE E 23 32.31 -22.75 -21.40
C ILE E 23 31.22 -23.71 -20.92
N ARG E 24 30.12 -23.80 -21.67
CA ARG E 24 29.06 -24.70 -21.23
C ARG E 24 29.55 -26.14 -21.19
N ASP E 25 30.31 -26.56 -22.20
CA ASP E 25 30.80 -27.95 -22.19
C ASP E 25 31.82 -28.19 -21.08
N ALA E 26 32.67 -27.21 -20.80
CA ALA E 26 33.62 -27.34 -19.71
C ALA E 26 32.90 -27.55 -18.38
N ARG E 27 31.77 -26.85 -18.17
CA ARG E 27 30.98 -27.05 -16.96
C ARG E 27 30.23 -28.38 -16.98
N LYS E 28 29.78 -28.82 -18.16
CA LYS E 28 29.01 -30.05 -18.24
C LYS E 28 29.87 -31.27 -17.95
N ALA E 29 31.15 -31.21 -18.30
CA ALA E 29 32.04 -32.33 -18.01
C ALA E 29 32.19 -32.56 -16.51
N CYS E 30 31.93 -31.55 -15.69
CA CYS E 30 32.16 -31.61 -14.25
C CYS E 30 30.97 -32.15 -13.47
N ALA E 31 29.85 -32.40 -14.12
CA ALA E 31 28.61 -32.75 -13.43
C ALA E 31 28.47 -34.27 -13.32
N ASP E 32 29.04 -34.83 -12.26
CA ASP E 32 28.87 -36.25 -12.02
C ASP E 32 27.80 -36.56 -11.00
N ALA E 33 27.60 -35.66 -10.02
CA ALA E 33 26.69 -35.93 -8.91
C ALA E 33 25.82 -34.71 -8.67
N THR E 34 24.71 -34.93 -7.99
CA THR E 34 23.82 -33.87 -7.56
C THR E 34 23.82 -33.80 -6.03
N LEU E 35 23.52 -32.61 -5.51
CA LEU E 35 23.59 -32.42 -4.06
C LEU E 35 22.58 -33.29 -3.34
N SER E 36 21.39 -33.44 -3.90
CA SER E 36 20.37 -34.26 -3.26
C SER E 36 20.77 -35.73 -3.18
N GLN E 37 21.43 -36.26 -4.22
CA GLN E 37 21.90 -37.64 -4.14
C GLN E 37 22.94 -37.81 -3.04
N ILE E 38 23.76 -36.78 -2.80
CA ILE E 38 24.75 -36.87 -1.74
C ILE E 38 24.08 -36.83 -0.37
N THR E 39 23.04 -36.02 -0.22
CA THR E 39 22.45 -35.80 1.09
C THR E 39 21.20 -36.64 1.36
N ASN E 40 20.85 -37.57 0.46
CA ASN E 40 19.65 -38.36 0.63
C ASN E 40 19.70 -39.29 1.84
N ASN E 41 20.87 -39.49 2.44
CA ASN E 41 21.02 -40.33 3.61
C ASN E 41 21.15 -39.54 4.91
N ILE E 42 20.43 -38.42 5.06
CA ILE E 42 20.62 -37.51 6.17
C ILE E 42 19.30 -37.30 6.90
N ASP E 43 19.37 -37.15 8.23
CA ASP E 43 18.20 -36.85 9.04
C ASP E 43 17.71 -35.43 8.76
N PRO E 44 16.41 -35.20 8.76
CA PRO E 44 15.89 -33.83 8.66
C PRO E 44 16.04 -33.07 9.97
N VAL E 45 15.57 -31.82 9.96
CA VAL E 45 15.68 -31.00 11.16
C VAL E 45 14.37 -30.95 11.92
N GLY E 46 13.31 -31.53 11.37
CA GLY E 46 12.02 -31.47 12.02
C GLY E 46 11.36 -30.13 11.78
N ARG E 47 10.36 -29.83 12.59
CA ARG E 47 9.71 -28.53 12.51
C ARG E 47 10.46 -27.55 13.41
N ILE E 48 10.50 -26.30 13.00
CA ILE E 48 11.16 -25.23 13.74
C ILE E 48 10.16 -24.11 13.95
N GLN E 49 9.99 -23.68 15.18
CA GLN E 49 8.96 -22.72 15.55
C GLN E 49 9.56 -21.56 16.31
N MET E 50 9.26 -20.34 15.85
CA MET E 50 9.82 -19.14 16.41
C MET E 50 8.68 -18.24 16.89
N ARG E 51 8.99 -17.37 17.83
CA ARG E 51 8.00 -16.40 18.31
C ARG E 51 8.59 -15.02 18.44
N THR E 52 7.69 -14.05 18.43
CA THR E 52 8.05 -12.64 18.51
C THR E 52 8.23 -12.21 19.95
N ARG E 53 9.41 -11.67 20.25
CA ARG E 53 9.72 -11.20 21.59
C ARG E 53 9.49 -9.71 21.78
N ARG E 54 9.75 -8.90 20.76
CA ARG E 54 9.61 -7.46 20.86
C ARG E 54 9.03 -6.91 19.58
N THR E 55 8.25 -5.83 19.70
CA THR E 55 7.69 -5.11 18.57
C THR E 55 8.06 -3.64 18.73
N LEU E 56 8.70 -3.08 17.72
CA LEU E 56 9.33 -1.78 17.83
C LEU E 56 8.50 -0.76 17.03
N ARG E 57 8.05 0.31 17.71
CA ARG E 57 7.07 1.25 17.18
C ARG E 57 7.57 2.68 17.19
N GLY E 58 7.13 3.47 16.22
CA GLY E 58 7.66 4.81 16.10
C GLY E 58 7.81 5.47 14.74
N HIS E 59 7.93 4.72 13.65
CA HIS E 59 8.04 5.30 12.32
C HIS E 59 6.65 5.65 11.74
N LEU E 60 6.62 6.60 10.79
CA LEU E 60 5.37 7.13 10.22
C LEU E 60 5.04 6.63 8.83
N ALA E 61 5.98 6.01 8.12
CA ALA E 61 5.75 5.54 6.77
C ALA E 61 6.52 4.24 6.62
N LYS E 62 6.43 3.64 5.43
CA LYS E 62 7.00 2.31 5.19
C LYS E 62 8.51 2.26 5.47
N ILE E 63 8.93 1.22 6.20
CA ILE E 63 10.35 0.99 6.47
C ILE E 63 11.04 0.31 5.32
N TYR E 64 12.21 0.78 4.92
CA TYR E 64 12.53 0.34 3.58
C TYR E 64 13.84 -0.47 3.58
N ALA E 65 14.52 -0.57 4.73
CA ALA E 65 15.85 -1.18 4.88
C ALA E 65 16.25 -1.24 6.36
N MET E 66 17.11 -2.21 6.74
CA MET E 66 17.77 -2.21 8.06
C MET E 66 19.07 -3.01 8.06
N HIS E 67 19.76 -2.98 9.20
CA HIS E 67 21.08 -3.58 9.38
C HIS E 67 21.43 -3.76 10.84
N TRP E 68 21.97 -4.92 11.20
CA TRP E 68 22.33 -5.19 12.60
C TRP E 68 23.76 -4.77 12.89
N GLY E 69 24.09 -4.69 14.17
CA GLY E 69 25.43 -4.36 14.62
C GLY E 69 26.23 -5.51 15.21
N THR E 70 27.55 -5.39 15.08
CA THR E 70 28.50 -6.39 15.55
C THR E 70 28.24 -6.60 17.04
N ASP E 71 28.25 -5.53 17.81
CA ASP E 71 27.62 -5.58 19.11
C ASP E 71 26.23 -6.13 18.83
N SER E 72 25.97 -7.37 19.24
CA SER E 72 24.73 -8.03 18.83
C SER E 72 23.49 -7.41 19.46
N ARG E 73 23.60 -6.24 20.08
CA ARG E 73 22.48 -5.64 20.81
C ARG E 73 21.81 -4.48 20.09
N LEU E 74 22.53 -3.66 19.31
CA LEU E 74 21.97 -2.44 18.71
C LEU E 74 21.65 -2.59 17.22
N LEU E 75 20.78 -1.72 16.71
CA LEU E 75 20.20 -1.85 15.38
C LEU E 75 19.93 -0.48 14.77
N VAL E 76 19.86 -0.40 13.43
CA VAL E 76 19.47 0.85 12.74
C VAL E 76 18.39 0.54 11.70
N SER E 77 17.58 1.53 11.38
CA SER E 77 16.55 1.36 10.36
C SER E 77 16.16 2.71 9.74
N ALA E 78 15.69 2.66 8.49
CA ALA E 78 15.44 3.84 7.66
C ALA E 78 14.01 3.88 7.12
N SER E 79 13.39 5.05 7.16
CA SER E 79 12.02 5.19 6.67
C SER E 79 11.81 6.47 5.87
N GLN E 80 10.88 6.39 4.91
CA GLN E 80 10.60 7.41 3.89
C GLN E 80 9.85 8.64 4.40
N ASP E 81 9.34 8.61 5.62
CA ASP E 81 8.99 9.88 6.25
C ASP E 81 10.20 10.78 6.39
N GLY E 82 11.39 10.23 6.19
CA GLY E 82 12.62 10.98 6.24
C GLY E 82 13.46 10.79 7.48
N LYS E 83 13.48 9.60 8.09
CA LYS E 83 14.13 9.41 9.39
C LYS E 83 15.01 8.17 9.40
N LEU E 84 16.04 8.21 10.27
CA LEU E 84 16.79 7.03 10.72
C LEU E 84 16.65 6.91 12.23
N ILE E 85 16.41 5.70 12.74
CA ILE E 85 16.36 5.47 14.19
C ILE E 85 17.35 4.36 14.54
N ILE E 86 18.00 4.50 15.68
CA ILE E 86 18.90 3.51 16.27
C ILE E 86 18.27 3.03 17.56
N TRP E 87 18.06 1.70 17.64
CA TRP E 87 17.31 0.97 18.67
C TRP E 87 18.22 0.11 19.54
N ASP E 88 17.79 -0.07 20.78
CA ASP E 88 18.30 -1.08 21.70
C ASP E 88 17.25 -2.16 21.80
N SER E 89 17.56 -3.37 21.35
CA SER E 89 16.53 -4.37 21.12
C SER E 89 16.22 -5.23 22.35
N TYR E 90 17.03 -5.17 23.40
CA TYR E 90 16.71 -5.91 24.62
C TYR E 90 15.59 -5.22 25.41
N THR E 91 15.34 -3.95 25.16
CA THR E 91 14.42 -3.17 25.97
C THR E 91 13.39 -2.38 25.17
N THR E 92 13.51 -2.30 23.84
CA THR E 92 12.67 -1.48 22.96
C THR E 92 12.74 -0.03 23.46
N ASN E 93 13.85 0.63 23.18
CA ASN E 93 14.21 1.81 23.92
C ASN E 93 15.12 2.66 23.06
N LYS E 94 14.55 3.69 22.41
CA LYS E 94 15.24 4.40 21.35
C LYS E 94 16.47 5.12 21.84
N VAL E 95 17.55 5.06 21.06
CA VAL E 95 18.79 5.72 21.39
C VAL E 95 19.03 6.95 20.52
N HIS E 96 18.86 6.85 19.20
CA HIS E 96 19.09 8.01 18.33
C HIS E 96 17.97 8.17 17.31
N ALA E 97 17.71 9.40 16.88
CA ALA E 97 16.73 9.68 15.83
C ALA E 97 17.19 10.86 14.98
N ILE E 98 17.36 10.65 13.67
CA ILE E 98 18.12 11.55 12.82
C ILE E 98 17.30 11.96 11.60
N PRO E 99 17.12 13.28 11.36
CA PRO E 99 16.32 13.76 10.24
C PRO E 99 17.16 14.08 9.00
N LEU E 100 16.71 13.63 7.85
CA LEU E 100 17.47 13.64 6.62
C LEU E 100 17.13 14.87 5.79
N ARG E 101 17.92 15.11 4.74
CA ARG E 101 17.70 16.22 3.81
C ARG E 101 16.76 15.88 2.66
N SER E 102 16.75 14.63 2.23
CA SER E 102 15.86 14.14 1.18
C SER E 102 15.10 12.97 1.75
N SER E 103 13.82 12.89 1.42
CA SER E 103 12.91 11.93 2.03
C SER E 103 12.94 10.57 1.35
N TRP E 104 13.54 10.46 0.18
CA TRP E 104 13.46 9.24 -0.60
C TRP E 104 14.76 8.43 -0.46
N VAL E 105 14.85 7.73 0.65
CA VAL E 105 16.00 6.93 1.04
C VAL E 105 15.72 5.47 0.75
N MET E 106 16.76 4.68 0.44
CA MET E 106 16.61 3.28 0.12
C MET E 106 17.63 2.32 0.71
N THR E 107 18.62 2.76 1.45
CA THR E 107 19.61 1.86 2.01
C THR E 107 20.20 2.45 3.28
N CYS E 108 20.73 1.58 4.15
CA CYS E 108 21.45 1.99 5.35
C CYS E 108 22.46 0.91 5.70
N ALA E 109 23.35 1.23 6.63
CA ALA E 109 24.48 0.38 6.97
C ALA E 109 25.17 0.91 8.21
N TYR E 110 25.49 0.00 9.15
CA TYR E 110 26.45 0.26 10.22
C TYR E 110 27.89 -0.06 9.88
N ALA E 111 28.78 0.67 10.54
CA ALA E 111 30.21 0.38 10.48
C ALA E 111 30.57 -0.69 11.50
N PRO E 112 31.60 -1.49 11.24
CA PRO E 112 31.90 -2.60 12.15
C PRO E 112 32.42 -2.16 13.50
N SER E 113 32.63 -0.87 13.74
CA SER E 113 33.13 -0.42 15.03
C SER E 113 32.09 0.33 15.86
N GLY E 114 30.93 0.66 15.29
CA GLY E 114 29.93 1.44 15.99
C GLY E 114 30.13 2.93 15.98
N ASN E 115 31.02 3.42 15.13
CA ASN E 115 31.33 4.84 15.12
C ASN E 115 30.52 5.62 14.07
N TYR E 116 30.07 4.97 12.99
CA TYR E 116 29.42 5.68 11.90
C TYR E 116 28.25 4.89 11.34
N VAL E 117 27.31 5.61 10.71
CA VAL E 117 26.22 5.03 9.92
C VAL E 117 26.16 5.75 8.59
N ALA E 118 25.53 5.11 7.59
CA ALA E 118 25.44 5.71 6.26
C ALA E 118 24.08 5.48 5.64
N CYS E 119 23.74 6.28 4.63
CA CYS E 119 22.45 6.13 3.96
C CYS E 119 22.49 6.75 2.56
N GLY E 120 21.53 6.35 1.73
CA GLY E 120 21.42 6.92 0.40
C GLY E 120 20.08 6.62 -0.21
N GLY E 121 19.84 7.17 -1.38
CA GLY E 121 18.59 6.96 -2.07
C GLY E 121 18.42 7.67 -3.40
N LEU E 122 17.29 8.34 -3.62
CA LEU E 122 16.82 8.76 -4.95
C LEU E 122 17.61 9.98 -5.42
N ASP E 123 18.03 10.86 -4.53
CA ASP E 123 19.10 11.71 -4.97
C ASP E 123 20.38 10.90 -4.91
N ASN E 124 21.21 11.01 -5.94
CA ASN E 124 22.21 9.99 -6.17
C ASN E 124 23.46 10.15 -5.30
N ILE E 125 23.28 10.33 -3.99
CA ILE E 125 24.37 10.71 -3.08
C ILE E 125 24.46 9.70 -1.94
N CYS E 126 25.66 9.54 -1.36
CA CYS E 126 25.82 8.77 -0.13
C CYS E 126 26.20 9.72 1.01
N SER E 127 25.43 9.70 2.10
CA SER E 127 25.72 10.59 3.23
C SER E 127 26.10 9.81 4.48
N ILE E 128 27.12 10.29 5.17
CA ILE E 128 27.77 9.54 6.26
C ILE E 128 27.70 10.33 7.57
N TYR E 129 27.19 9.70 8.63
CA TYR E 129 26.89 10.36 9.89
C TYR E 129 27.76 9.84 11.03
N ASN E 130 28.26 10.77 11.82
CA ASN E 130 29.21 10.54 12.89
C ASN E 130 28.51 10.64 14.24
N LEU E 131 28.41 9.54 14.96
CA LEU E 131 27.61 9.49 16.17
C LEU E 131 28.38 9.94 17.40
N LYS E 132 29.68 9.69 17.46
CA LYS E 132 30.47 9.79 18.68
C LYS E 132 31.16 11.14 18.81
N THR E 133 30.54 12.21 18.34
CA THR E 133 31.20 13.50 18.43
C THR E 133 31.22 13.99 19.88
N ARG E 134 32.11 14.94 20.15
CA ARG E 134 32.12 15.60 21.46
C ARG E 134 30.80 16.29 21.72
N GLU E 135 30.22 16.89 20.69
CA GLU E 135 28.85 17.36 20.76
C GLU E 135 27.91 16.17 20.95
N GLY E 136 26.83 16.39 21.68
CA GLY E 136 25.84 15.35 21.76
C GLY E 136 25.06 15.13 20.49
N ASN E 137 25.15 16.05 19.53
CA ASN E 137 24.37 15.99 18.30
C ASN E 137 25.03 15.07 17.28
N VAL E 138 24.35 14.90 16.16
CA VAL E 138 24.76 13.98 15.10
C VAL E 138 24.70 14.71 13.78
N ARG E 139 25.87 14.99 13.20
CA ARG E 139 25.98 15.82 12.01
C ARG E 139 26.62 15.05 10.86
N VAL E 140 26.21 15.43 9.64
CA VAL E 140 26.74 14.84 8.41
C VAL E 140 28.23 15.12 8.32
N SER E 141 29.02 14.08 8.11
CA SER E 141 30.44 14.29 7.85
C SER E 141 30.73 14.43 6.37
N ARG E 142 30.24 13.51 5.54
CA ARG E 142 30.57 13.47 4.13
C ARG E 142 29.31 13.30 3.31
N GLU E 143 29.40 13.79 2.08
CA GLU E 143 28.43 13.58 1.02
C GLU E 143 29.18 13.25 -0.25
N LEU E 144 29.10 11.98 -0.69
CA LEU E 144 29.83 11.49 -1.85
C LEU E 144 28.87 11.73 -3.00
N ALA E 145 29.41 12.23 -4.11
CA ALA E 145 28.58 12.87 -5.13
C ALA E 145 28.94 12.64 -6.59
N GLY E 146 29.24 11.41 -7.00
CA GLY E 146 29.65 11.17 -8.37
C GLY E 146 28.82 10.24 -9.24
N HIS E 147 27.93 9.43 -8.66
CA HIS E 147 27.11 8.49 -9.40
C HIS E 147 26.07 9.24 -10.24
N THR E 148 25.53 8.56 -11.25
CA THR E 148 24.57 9.17 -12.18
C THR E 148 23.18 8.54 -12.10
N GLY E 149 22.97 7.59 -11.19
CA GLY E 149 21.66 7.07 -10.89
C GLY E 149 21.57 6.75 -9.42
N TYR E 150 20.36 6.48 -8.95
CA TYR E 150 20.05 6.34 -7.53
C TYR E 150 20.88 5.24 -6.90
N LEU E 151 21.11 5.36 -5.59
CA LEU E 151 21.94 4.44 -4.84
C LEU E 151 21.11 3.30 -4.26
N SER E 152 21.39 2.05 -4.64
CA SER E 152 20.57 0.93 -4.19
C SER E 152 21.17 0.05 -3.10
N CYS E 153 22.49 0.00 -2.88
CA CYS E 153 23.03 -0.69 -1.71
C CYS E 153 24.35 -0.07 -1.30
N CYS E 154 24.92 -0.60 -0.22
CA CYS E 154 26.01 0.07 0.50
C CYS E 154 26.54 -0.85 1.59
N ARG E 155 27.86 -0.96 1.75
CA ARG E 155 28.45 -1.70 2.86
C ARG E 155 29.83 -1.18 3.20
N PHE E 156 30.06 -0.79 4.45
CA PHE E 156 31.38 -0.35 4.93
C PHE E 156 32.37 -1.49 4.79
N LEU E 157 33.66 -1.17 4.87
CA LEU E 157 34.77 -2.11 4.94
C LEU E 157 35.70 -1.83 6.11
N ASP E 158 35.96 -0.55 6.38
CA ASP E 158 36.52 -0.06 7.63
C ASP E 158 36.08 1.39 7.78
N ASP E 159 36.71 2.15 8.67
CA ASP E 159 36.30 3.54 8.87
C ASP E 159 36.82 4.48 7.80
N ASN E 160 37.38 3.96 6.71
CA ASN E 160 38.03 4.76 5.69
C ASN E 160 37.45 4.57 4.31
N GLN E 161 36.81 3.43 4.04
CA GLN E 161 36.49 2.98 2.69
C GLN E 161 35.10 2.37 2.65
N ILE E 162 34.38 2.62 1.57
CA ILE E 162 33.00 2.15 1.45
C ILE E 162 32.70 1.79 0.00
N VAL E 163 31.80 0.83 -0.22
CA VAL E 163 31.49 0.26 -1.52
C VAL E 163 30.03 0.53 -1.81
N THR E 164 29.71 1.03 -3.01
CA THR E 164 28.33 1.37 -3.36
C THR E 164 27.95 0.73 -4.69
N SER E 165 26.66 0.54 -4.89
CA SER E 165 26.10 0.11 -6.15
C SER E 165 24.94 1.01 -6.54
N SER E 166 24.80 1.29 -7.84
CA SER E 166 23.78 2.24 -8.25
C SER E 166 22.97 1.74 -9.43
N GLY E 167 21.96 2.52 -9.78
CA GLY E 167 21.10 2.41 -10.91
C GLY E 167 21.60 2.97 -12.22
N ASP E 168 22.83 3.50 -12.29
CA ASP E 168 23.50 3.76 -13.55
C ASP E 168 24.32 2.55 -14.03
N THR E 169 24.20 1.43 -13.29
CA THR E 169 24.66 0.07 -13.64
C THR E 169 26.14 -0.12 -13.33
N THR E 170 26.64 0.60 -12.34
CA THR E 170 28.04 0.44 -11.92
C THR E 170 28.11 0.31 -10.40
N CYS E 171 29.21 -0.27 -9.94
CA CYS E 171 29.58 -0.19 -8.53
C CYS E 171 30.86 0.63 -8.41
N ALA E 172 31.09 1.20 -7.22
CA ALA E 172 32.30 1.99 -7.02
C ALA E 172 32.86 1.81 -5.61
N LEU E 173 34.16 2.05 -5.46
CA LEU E 173 34.82 2.08 -4.15
C LEU E 173 35.32 3.49 -3.84
N TRP E 174 35.08 3.95 -2.60
CA TRP E 174 35.20 5.35 -2.23
C TRP E 174 36.13 5.50 -1.05
N ASP E 175 36.83 6.64 -1.04
CA ASP E 175 37.82 7.04 -0.04
C ASP E 175 37.29 8.25 0.73
N ILE E 176 36.83 8.02 1.97
CA ILE E 176 36.01 9.00 2.68
C ILE E 176 36.82 10.24 3.04
N GLU E 177 38.06 10.05 3.48
CA GLU E 177 38.86 11.19 3.96
C GLU E 177 39.16 12.16 2.83
N THR E 178 39.50 11.65 1.66
CA THR E 178 39.69 12.46 0.46
C THR E 178 38.39 12.79 -0.26
N GLY E 179 37.46 11.86 -0.36
CA GLY E 179 36.17 12.11 -0.98
C GLY E 179 35.99 11.58 -2.39
N GLN E 180 37.03 11.09 -3.02
CA GLN E 180 37.02 10.76 -4.44
C GLN E 180 36.90 9.26 -4.64
N GLN E 181 36.40 8.86 -5.80
CA GLN E 181 36.34 7.44 -6.11
C GLN E 181 37.76 6.91 -6.31
N THR E 182 37.96 5.65 -5.96
CA THR E 182 39.24 5.00 -6.10
C THR E 182 39.24 3.92 -7.17
N THR E 183 38.12 3.23 -7.35
CA THR E 183 37.99 2.25 -8.43
C THR E 183 36.52 2.10 -8.77
N THR E 184 36.27 1.62 -10.01
CA THR E 184 34.94 1.44 -10.54
C THR E 184 34.83 0.05 -11.15
N PHE E 185 33.62 -0.51 -11.15
CA PHE E 185 33.34 -1.84 -11.69
C PHE E 185 32.17 -1.60 -12.63
N THR E 186 32.28 -2.05 -13.89
CA THR E 186 31.41 -1.49 -14.93
C THR E 186 30.65 -2.51 -15.78
N GLY E 187 31.04 -3.78 -15.80
CA GLY E 187 30.52 -4.75 -16.76
C GLY E 187 29.04 -5.13 -16.79
N HIS E 188 28.25 -4.88 -15.75
CA HIS E 188 26.82 -5.22 -15.72
C HIS E 188 26.04 -4.48 -16.80
N THR E 189 24.80 -4.89 -17.03
CA THR E 189 23.95 -4.32 -18.07
C THR E 189 22.68 -3.63 -17.58
N GLY E 190 22.06 -4.07 -16.47
CA GLY E 190 20.94 -3.38 -15.87
C GLY E 190 21.33 -2.80 -14.53
N ASP E 191 20.32 -2.32 -13.80
CA ASP E 191 20.51 -1.77 -12.45
C ASP E 191 21.13 -2.81 -11.53
N VAL E 192 22.02 -2.41 -10.63
CA VAL E 192 22.56 -3.32 -9.63
C VAL E 192 21.75 -3.19 -8.33
N MET E 193 21.19 -4.32 -7.87
CA MET E 193 20.24 -4.31 -6.77
C MET E 193 20.81 -4.68 -5.41
N SER E 194 21.80 -5.56 -5.31
CA SER E 194 22.34 -5.89 -4.02
C SER E 194 23.84 -6.10 -4.11
N LEU E 195 24.42 -6.63 -3.04
CA LEU E 195 25.85 -6.53 -2.81
C LEU E 195 26.18 -7.29 -1.53
N SER E 196 27.26 -8.05 -1.50
CA SER E 196 27.57 -8.81 -0.30
C SER E 196 29.08 -8.96 -0.13
N LEU E 197 29.59 -8.60 1.02
CA LEU E 197 31.01 -8.69 1.32
C LEU E 197 31.38 -10.09 1.77
N ALA E 198 32.66 -10.42 1.62
CA ALA E 198 33.17 -11.72 1.98
C ALA E 198 33.65 -11.70 3.42
N PRO E 199 33.79 -12.86 4.04
CA PRO E 199 34.44 -12.90 5.35
C PRO E 199 35.86 -12.34 5.38
N ASP E 200 36.66 -12.53 4.34
CA ASP E 200 38.03 -12.00 4.31
C ASP E 200 38.13 -10.58 3.78
N THR E 201 37.07 -10.03 3.18
CA THR E 201 37.04 -8.68 2.63
C THR E 201 38.09 -8.52 1.51
N ARG E 202 38.23 -9.57 0.71
CA ARG E 202 39.02 -9.53 -0.51
C ARG E 202 38.22 -9.87 -1.77
N LEU E 203 36.96 -10.25 -1.63
CA LEU E 203 36.10 -10.52 -2.75
C LEU E 203 34.70 -10.03 -2.43
N PHE E 204 33.88 -9.79 -3.46
CA PHE E 204 32.46 -9.53 -3.22
C PHE E 204 31.67 -9.94 -4.44
N VAL E 205 30.34 -10.02 -4.28
CA VAL E 205 29.42 -10.51 -5.29
C VAL E 205 28.29 -9.51 -5.46
N SER E 206 27.67 -9.50 -6.64
CA SER E 206 26.52 -8.61 -6.89
C SER E 206 25.54 -9.22 -7.89
N GLY E 207 24.30 -8.76 -7.80
CA GLY E 207 23.25 -9.24 -8.70
C GLY E 207 22.41 -8.12 -9.26
N ALA E 208 21.99 -8.27 -10.51
CA ALA E 208 21.47 -7.11 -11.22
C ALA E 208 20.07 -7.31 -11.79
N CYS E 209 19.42 -6.20 -12.15
CA CYS E 209 18.19 -6.19 -12.96
C CYS E 209 18.52 -6.68 -14.35
N ASP E 210 19.02 -7.88 -14.37
CA ASP E 210 19.48 -8.62 -15.51
C ASP E 210 19.77 -9.95 -14.87
N ALA E 211 19.33 -11.03 -15.48
CA ALA E 211 19.29 -12.25 -14.68
C ALA E 211 20.72 -12.79 -14.50
N SER E 212 21.56 -11.98 -13.84
CA SER E 212 22.96 -12.38 -13.75
C SER E 212 23.62 -11.86 -12.48
N ALA E 213 24.57 -12.67 -11.99
CA ALA E 213 25.38 -12.34 -10.85
C ALA E 213 26.84 -12.33 -11.26
N LYS E 214 27.64 -11.50 -10.61
CA LYS E 214 29.05 -11.41 -10.91
C LYS E 214 29.88 -11.42 -9.64
N LEU E 215 31.08 -12.00 -9.73
CA LEU E 215 32.06 -12.01 -8.65
C LEU E 215 33.18 -11.03 -8.99
N TRP E 216 33.51 -10.14 -8.04
CA TRP E 216 34.41 -9.03 -8.27
C TRP E 216 35.58 -9.04 -7.29
N ASP E 217 36.75 -8.69 -7.81
CA ASP E 217 37.99 -8.61 -7.05
C ASP E 217 38.24 -7.15 -6.64
N VAL E 218 38.23 -6.88 -5.34
CA VAL E 218 38.23 -5.51 -4.86
C VAL E 218 39.52 -4.81 -5.22
N ARG E 219 40.64 -5.51 -5.07
CA ARG E 219 41.95 -4.88 -5.08
C ARG E 219 42.51 -4.79 -6.50
N GLU E 220 42.09 -5.69 -7.39
CA GLU E 220 42.42 -5.59 -8.80
C GLU E 220 41.43 -4.75 -9.59
N GLY E 221 40.18 -4.66 -9.16
CA GLY E 221 39.17 -3.97 -9.94
C GLY E 221 38.74 -4.68 -11.19
N MET E 222 38.50 -5.98 -11.11
CA MET E 222 38.22 -6.80 -12.27
C MET E 222 37.11 -7.78 -11.95
N CYS E 223 36.46 -8.29 -12.99
CA CYS E 223 35.47 -9.34 -12.82
C CYS E 223 36.17 -10.68 -12.92
N ARG E 224 35.88 -11.58 -12.01
CA ARG E 224 36.50 -12.89 -12.05
C ARG E 224 35.58 -13.98 -12.56
N GLN E 225 34.28 -13.97 -12.24
CA GLN E 225 33.36 -14.99 -12.74
C GLN E 225 31.96 -14.42 -12.90
N THR E 226 31.14 -15.10 -13.70
CA THR E 226 29.75 -14.74 -13.95
C THR E 226 28.88 -15.97 -13.75
N PHE E 227 27.71 -15.81 -13.13
CA PHE E 227 26.78 -16.89 -12.86
C PHE E 227 25.41 -16.51 -13.38
N THR E 228 24.77 -17.40 -14.15
CA THR E 228 23.53 -17.09 -14.88
C THR E 228 22.55 -18.25 -14.81
N GLY E 229 21.66 -18.23 -13.83
CA GLY E 229 20.66 -19.27 -13.71
C GLY E 229 19.21 -18.80 -13.59
N HIS E 230 18.98 -17.55 -13.23
CA HIS E 230 17.64 -17.06 -12.95
C HIS E 230 16.88 -16.70 -14.22
N GLU E 231 15.65 -16.23 -14.04
CA GLU E 231 14.80 -15.84 -15.15
C GLU E 231 14.45 -14.35 -15.20
N SER E 232 14.54 -13.64 -14.08
CA SER E 232 14.12 -12.25 -14.03
C SER E 232 15.12 -11.50 -13.17
N ASP E 233 14.74 -10.31 -12.70
CA ASP E 233 15.62 -9.47 -11.93
C ASP E 233 15.97 -10.07 -10.57
N ILE E 234 17.25 -10.01 -10.21
CA ILE E 234 17.73 -10.53 -8.93
C ILE E 234 17.62 -9.44 -7.87
N ASN E 235 16.91 -9.73 -6.78
CA ASN E 235 16.65 -8.70 -5.79
C ASN E 235 17.57 -8.78 -4.58
N ALA E 236 18.12 -9.94 -4.26
CA ALA E 236 18.94 -10.14 -3.07
C ALA E 236 20.06 -11.16 -3.31
N ILE E 237 21.05 -11.17 -2.42
CA ILE E 237 22.28 -11.97 -2.54
C ILE E 237 23.00 -12.03 -1.20
N CYS E 238 23.65 -13.17 -0.87
CA CYS E 238 24.49 -13.27 0.33
C CYS E 238 25.46 -14.46 0.27
N PHE E 239 26.52 -14.40 1.09
CA PHE E 239 27.52 -15.45 1.29
C PHE E 239 27.20 -16.45 2.40
N PHE E 240 27.41 -17.74 2.08
CA PHE E 240 27.45 -18.85 3.02
C PHE E 240 28.66 -18.73 3.93
N PRO E 241 28.58 -19.21 5.16
CA PRO E 241 29.54 -18.80 6.19
C PRO E 241 31.03 -19.06 5.93
N ASN E 242 31.39 -20.12 5.21
CA ASN E 242 32.81 -20.41 5.03
C ASN E 242 33.42 -19.77 3.80
N GLY E 243 32.67 -18.92 3.09
CA GLY E 243 33.19 -18.16 1.98
C GLY E 243 33.17 -18.84 0.64
N ASN E 244 32.59 -20.03 0.52
CA ASN E 244 32.61 -20.83 -0.70
C ASN E 244 31.28 -20.96 -1.39
N ALA E 245 30.27 -20.18 -1.00
CA ALA E 245 28.98 -20.35 -1.64
C ALA E 245 28.20 -19.06 -1.51
N PHE E 246 27.11 -18.96 -2.28
CA PHE E 246 26.20 -17.84 -2.15
C PHE E 246 24.82 -18.23 -2.66
N ALA E 247 23.81 -17.56 -2.12
CA ALA E 247 22.41 -17.80 -2.46
C ALA E 247 21.81 -16.53 -3.03
N THR E 248 20.81 -16.69 -3.90
CA THR E 248 20.16 -15.57 -4.56
C THR E 248 18.65 -15.76 -4.56
N GLY E 249 17.92 -14.65 -4.73
CA GLY E 249 16.48 -14.73 -4.92
C GLY E 249 15.96 -13.65 -5.85
N SER E 250 14.99 -14.02 -6.70
CA SER E 250 14.59 -13.11 -7.76
C SER E 250 13.09 -13.01 -7.86
N ASP E 251 12.63 -12.38 -8.96
CA ASP E 251 11.22 -12.13 -9.21
C ASP E 251 10.51 -13.26 -9.89
N ASP E 252 11.23 -14.27 -10.36
CA ASP E 252 10.62 -15.51 -10.84
C ASP E 252 10.12 -16.40 -9.71
N ALA E 253 10.32 -15.96 -8.46
CA ALA E 253 9.83 -16.62 -7.24
C ALA E 253 10.56 -17.91 -6.93
N THR E 254 11.89 -17.87 -7.00
CA THR E 254 12.75 -18.99 -6.73
C THR E 254 13.95 -18.48 -5.94
N CYS E 255 14.53 -19.33 -5.10
CA CYS E 255 15.85 -19.06 -4.53
C CYS E 255 16.82 -20.12 -5.04
N ARG E 256 18.10 -19.78 -5.15
CA ARG E 256 19.06 -20.76 -5.66
C ARG E 256 20.40 -20.64 -4.95
N LEU E 257 21.17 -21.74 -4.93
CA LEU E 257 22.50 -21.81 -4.31
C LEU E 257 23.54 -22.14 -5.36
N PHE E 258 24.59 -21.29 -5.44
CA PHE E 258 25.72 -21.44 -6.35
C PHE E 258 27.02 -21.63 -5.56
N ASP E 259 27.95 -22.38 -6.15
CA ASP E 259 29.24 -22.71 -5.56
C ASP E 259 30.37 -22.10 -6.40
N LEU E 260 31.39 -21.54 -5.74
CA LEU E 260 32.40 -20.75 -6.44
C LEU E 260 33.48 -21.60 -7.11
N ARG E 261 33.89 -22.71 -6.51
CA ARG E 261 34.95 -23.54 -7.08
C ARG E 261 34.48 -24.39 -8.24
N ALA E 262 33.25 -24.92 -8.18
CA ALA E 262 32.75 -25.75 -9.26
C ALA E 262 32.18 -24.92 -10.40
N ASP E 263 31.76 -23.69 -10.13
CA ASP E 263 31.37 -22.73 -11.14
C ASP E 263 30.02 -23.08 -11.79
N GLN E 264 29.15 -23.74 -11.02
CA GLN E 264 27.83 -24.09 -11.50
C GLN E 264 26.80 -23.77 -10.43
N GLU E 265 25.54 -23.89 -10.82
CA GLU E 265 24.42 -23.89 -9.90
C GLU E 265 24.33 -25.22 -9.16
N LEU E 266 23.96 -25.19 -7.89
CA LEU E 266 24.06 -26.37 -7.05
C LEU E 266 22.73 -26.81 -6.44
N MET E 267 21.84 -25.89 -6.06
CA MET E 267 20.56 -26.31 -5.49
C MET E 267 19.48 -25.27 -5.76
N THR E 268 18.23 -25.70 -5.89
CA THR E 268 17.10 -24.81 -6.16
C THR E 268 16.02 -24.98 -5.10
N TYR E 269 15.53 -23.86 -4.54
CA TYR E 269 14.52 -23.90 -3.49
C TYR E 269 13.28 -23.15 -3.95
N SER E 270 12.21 -23.90 -4.27
CA SER E 270 10.95 -23.37 -4.82
C SER E 270 9.80 -24.31 -4.49
N HIS E 271 8.62 -23.99 -5.03
CA HIS E 271 7.34 -24.65 -4.74
C HIS E 271 6.35 -24.22 -5.82
N ASP E 272 5.21 -24.91 -5.93
CA ASP E 272 4.23 -24.52 -6.96
C ASP E 272 3.15 -23.60 -6.45
N ASN E 273 3.07 -23.37 -5.15
CA ASN E 273 2.07 -22.48 -4.57
C ASN E 273 2.57 -21.06 -4.38
N ILE E 274 3.83 -20.79 -4.68
CA ILE E 274 4.45 -19.49 -4.45
C ILE E 274 4.60 -18.82 -5.81
N ILE E 275 3.91 -17.70 -6.01
CA ILE E 275 3.91 -16.98 -7.28
C ILE E 275 4.17 -15.49 -7.08
N CYS E 276 4.74 -15.11 -5.94
CA CYS E 276 5.15 -13.75 -5.65
C CYS E 276 6.67 -13.68 -5.54
N GLY E 277 7.24 -12.52 -5.81
CA GLY E 277 8.67 -12.39 -5.82
C GLY E 277 9.28 -12.31 -4.45
N ILE E 278 10.61 -12.33 -4.42
CA ILE E 278 11.39 -12.43 -3.18
C ILE E 278 12.14 -11.12 -2.94
N THR E 279 12.18 -10.70 -1.69
CA THR E 279 12.69 -9.39 -1.35
C THR E 279 14.04 -9.42 -0.63
N SER E 280 14.31 -10.45 0.18
CA SER E 280 15.56 -10.58 0.91
C SER E 280 15.82 -12.04 1.24
N VAL E 281 17.08 -12.37 1.45
CA VAL E 281 17.51 -13.73 1.77
C VAL E 281 18.53 -13.59 2.89
N SER E 282 18.78 -14.67 3.63
CA SER E 282 19.70 -14.59 4.74
C SER E 282 20.02 -16.00 5.24
N PHE E 283 21.26 -16.20 5.68
CA PHE E 283 21.73 -17.50 6.13
C PHE E 283 21.81 -17.55 7.63
N SER E 284 22.00 -18.74 8.17
CA SER E 284 22.17 -18.91 9.60
C SER E 284 23.61 -19.26 9.95
N LYS E 285 23.84 -19.46 11.25
CA LYS E 285 25.21 -19.38 11.75
C LYS E 285 26.02 -20.63 11.46
N SER E 286 25.40 -21.79 11.55
CA SER E 286 26.09 -22.99 11.09
C SER E 286 25.89 -23.26 9.59
N GLY E 287 25.11 -22.42 8.92
CA GLY E 287 24.82 -22.59 7.52
C GLY E 287 23.63 -23.47 7.23
N ARG E 288 22.95 -23.98 8.25
CA ARG E 288 21.94 -25.02 8.05
C ARG E 288 20.59 -24.46 7.66
N LEU E 289 20.20 -23.30 8.17
CA LEU E 289 18.91 -22.74 7.82
C LEU E 289 19.05 -21.52 6.90
N LEU E 290 18.33 -21.52 5.80
CA LEU E 290 18.22 -20.36 4.92
C LEU E 290 16.85 -19.71 5.09
N LEU E 291 16.83 -18.41 5.39
CA LEU E 291 15.59 -17.71 5.66
C LEU E 291 15.31 -16.72 4.53
N ALA E 292 14.05 -16.60 4.10
CA ALA E 292 13.76 -15.72 2.97
C ALA E 292 12.49 -14.91 3.20
N GLY E 293 12.40 -13.73 2.57
CA GLY E 293 11.20 -12.90 2.62
C GLY E 293 10.44 -12.71 1.30
N TYR E 294 9.12 -12.55 1.39
CA TYR E 294 8.27 -12.59 0.21
C TYR E 294 7.29 -11.41 0.15
N ASP E 295 6.63 -11.26 -1.01
CA ASP E 295 5.66 -10.19 -1.29
C ASP E 295 4.27 -10.46 -0.73
N ASP E 296 3.96 -11.70 -0.34
CA ASP E 296 2.66 -12.08 0.18
C ASP E 296 2.57 -11.92 1.67
N PHE E 297 3.47 -11.16 2.29
CA PHE E 297 3.44 -10.64 3.65
C PHE E 297 4.14 -11.55 4.66
N ASN E 298 4.66 -12.73 4.29
CA ASN E 298 5.22 -13.71 5.22
C ASN E 298 6.69 -13.99 4.92
N CYS E 299 7.34 -14.77 5.79
CA CYS E 299 8.72 -15.19 5.61
C CYS E 299 8.83 -16.70 5.79
N ASN E 300 9.76 -17.32 5.07
CA ASN E 300 9.91 -18.77 5.03
C ASN E 300 11.28 -19.24 5.53
N VAL E 301 11.32 -20.46 6.04
CA VAL E 301 12.53 -21.08 6.57
C VAL E 301 12.72 -22.37 5.80
N TRP E 302 13.85 -22.50 5.12
CA TRP E 302 14.24 -23.70 4.37
C TRP E 302 15.46 -24.32 5.03
N ASP E 303 15.51 -25.63 5.02
CA ASP E 303 16.72 -26.41 5.23
C ASP E 303 17.56 -26.25 3.97
N ALA E 304 18.84 -25.87 4.15
CA ALA E 304 19.64 -25.50 2.99
C ALA E 304 20.21 -26.71 2.26
N LEU E 305 20.23 -27.89 2.88
CA LEU E 305 20.79 -29.07 2.24
C LEU E 305 19.78 -29.97 1.54
N LYS E 306 18.50 -29.88 1.88
CA LYS E 306 17.52 -30.85 1.40
C LYS E 306 16.47 -30.25 0.49
N ALA E 307 16.42 -28.94 0.33
CA ALA E 307 15.31 -28.25 -0.33
C ALA E 307 13.97 -28.53 0.38
N ASP E 308 14.02 -28.61 1.71
CA ASP E 308 12.83 -28.79 2.53
C ASP E 308 12.28 -27.43 2.92
N ARG E 309 11.13 -27.44 3.57
CA ARG E 309 10.45 -26.24 4.06
C ARG E 309 10.15 -26.43 5.53
N ALA E 310 11.07 -26.04 6.39
CA ALA E 310 10.99 -26.34 7.81
C ALA E 310 10.32 -25.27 8.67
N GLY E 311 9.91 -24.13 8.14
CA GLY E 311 9.21 -23.23 9.05
C GLY E 311 8.63 -22.02 8.36
N VAL E 312 7.78 -21.30 9.12
CA VAL E 312 7.09 -20.11 8.61
C VAL E 312 7.07 -19.05 9.71
N LEU E 313 7.36 -17.80 9.35
CA LEU E 313 7.17 -16.67 10.25
C LEU E 313 6.10 -15.76 9.66
N ALA E 314 5.04 -15.52 10.41
CA ALA E 314 3.92 -14.70 9.95
C ALA E 314 3.76 -13.55 10.94
N GLY E 315 2.92 -12.59 10.59
CA GLY E 315 2.67 -11.49 11.49
C GLY E 315 2.79 -10.07 10.98
N HIS E 316 2.96 -9.88 9.67
CA HIS E 316 2.98 -8.54 9.08
C HIS E 316 1.75 -8.37 8.21
N ASP E 317 1.36 -7.13 7.98
CA ASP E 317 0.16 -6.78 7.23
C ASP E 317 0.43 -6.23 5.82
N ASN E 318 1.66 -5.77 5.54
CA ASN E 318 2.03 -5.25 4.25
C ASN E 318 3.31 -5.94 3.83
N ARG E 319 3.73 -5.69 2.60
CA ARG E 319 4.91 -6.28 1.98
C ARG E 319 6.09 -6.35 2.93
N VAL E 320 6.78 -7.48 2.96
CA VAL E 320 8.00 -7.61 3.77
C VAL E 320 9.18 -7.12 2.96
N SER E 321 9.97 -6.21 3.53
CA SER E 321 11.05 -5.62 2.79
C SER E 321 12.45 -5.96 3.31
N CYS E 322 12.62 -6.42 4.54
CA CYS E 322 13.98 -6.64 5.01
C CYS E 322 14.07 -7.63 6.18
N LEU E 323 15.23 -8.26 6.33
CA LEU E 323 15.41 -9.43 7.19
C LEU E 323 16.88 -9.66 7.50
N GLY E 324 17.19 -10.16 8.69
CA GLY E 324 18.58 -10.38 9.06
C GLY E 324 18.82 -11.09 10.38
N VAL E 325 20.01 -11.70 10.50
CA VAL E 325 20.38 -12.60 11.58
C VAL E 325 21.63 -12.06 12.22
N THR E 326 21.82 -12.25 13.53
CA THR E 326 22.97 -11.64 14.21
C THR E 326 24.24 -12.50 14.10
N ASP E 327 25.28 -12.05 14.81
CA ASP E 327 26.59 -12.70 14.76
C ASP E 327 26.74 -13.81 15.78
N ASP E 328 25.92 -13.84 16.80
CA ASP E 328 25.85 -14.99 17.67
C ASP E 328 24.74 -15.93 17.27
N GLY E 329 23.93 -15.52 16.29
CA GLY E 329 22.92 -16.36 15.69
C GLY E 329 21.65 -16.52 16.47
N MET E 330 21.37 -15.64 17.44
CA MET E 330 20.25 -15.87 18.34
C MET E 330 18.91 -15.43 17.80
N ALA E 331 18.88 -14.41 16.96
CA ALA E 331 17.61 -13.73 16.74
C ALA E 331 17.54 -13.22 15.32
N VAL E 332 16.31 -13.10 14.84
CA VAL E 332 16.04 -12.66 13.47
C VAL E 332 15.28 -11.37 13.59
N ALA E 333 15.55 -10.41 12.72
CA ALA E 333 14.78 -9.18 12.70
C ALA E 333 14.17 -8.94 11.33
N THR E 334 12.92 -8.46 11.32
CA THR E 334 12.19 -8.22 10.07
C THR E 334 11.50 -6.85 10.07
N GLY E 335 11.39 -6.30 8.87
CA GLY E 335 10.74 -5.02 8.67
C GLY E 335 9.89 -5.03 7.42
N SER E 336 8.81 -4.24 7.46
CA SER E 336 7.79 -4.24 6.40
C SER E 336 7.22 -2.85 6.16
N TRP E 337 6.32 -2.77 5.18
CA TRP E 337 5.64 -1.54 4.74
C TRP E 337 4.54 -1.08 5.70
N ASP E 338 4.25 -1.85 6.75
CA ASP E 338 3.48 -1.48 7.94
C ASP E 338 3.99 -0.30 8.73
N SER E 339 5.31 -0.05 8.66
CA SER E 339 6.10 0.77 9.58
C SER E 339 6.40 0.12 10.93
N PHE E 340 6.55 -1.20 11.00
CA PHE E 340 6.92 -1.90 12.23
C PHE E 340 8.08 -2.85 11.99
N LEU E 341 8.84 -3.08 13.06
CA LEU E 341 9.98 -3.99 13.15
C LEU E 341 9.72 -5.04 14.23
N LYS E 342 10.16 -6.27 14.00
CA LYS E 342 9.87 -7.41 14.87
C LYS E 342 11.08 -8.30 15.06
N ILE E 343 11.21 -8.84 16.26
CA ILE E 343 12.36 -9.64 16.66
C ILE E 343 11.87 -11.02 17.05
N TRP E 344 12.45 -12.05 16.43
CA TRP E 344 12.01 -13.44 16.56
C TRP E 344 13.12 -14.27 17.16
N ASN E 345 12.71 -15.24 17.99
CA ASN E 345 13.66 -16.12 18.64
C ASN E 345 12.92 -17.27 19.23
P25 WJS F . -45.42 4.55 34.04
C09 WJS F . -34.32 14.14 32.83
C10 WJS F . -35.52 13.33 33.38
C11 WJS F . -36.68 14.12 33.99
C12 WJS F . -37.07 13.76 35.43
C13 WJS F . -38.56 13.54 35.71
C14 WJS F . -38.91 12.26 36.49
C15 WJS F . -40.34 11.74 36.26
C16 WJS F . -40.70 10.40 36.92
C17 WJS F . -42.08 9.84 36.55
C18 WJS F . -42.07 8.42 36.01
O19 WJS F . -42.60 7.48 36.58
O20 WJS F . -41.46 8.21 34.82
C21 WJS F . -41.95 7.13 34.05
C22 WJS F . -42.96 7.62 33.02
C23 WJS F . -44.23 6.72 32.96
O24 WJS F . -44.03 5.56 33.63
O26 WJS F . -45.47 4.66 35.53
O27 WJS F . -46.48 5.03 33.13
O28 WJS F . -45.00 3.03 33.60
C29 WJS F . -43.70 2.62 33.64
C30 WJS F . -43.47 1.52 32.63
C31 WJS F . -42.17 0.79 32.85
O32 WJS F . -41.20 1.44 33.27
O33 WJS F . -42.16 -0.43 32.61
N34 WJS F . -44.54 0.55 32.83
O35 WJS F . -42.26 7.64 31.85
C8 WJS F . -33.51 13.51 31.70
C7 WJS F . -32.06 13.16 32.03
C6 WJS F . -31.02 13.97 31.26
C5 WJS F . -29.94 13.17 30.51
C4 WJS F . -29.36 13.89 29.26
C3 WJS F . -28.87 12.97 28.10
C2 WJS F . -29.44 13.35 26.75
C1 WJS F . -28.43 13.30 25.63
#